data_7C0K
#
_entry.id   7C0K
#
_cell.length_a   66.170
_cell.length_b   57.520
_cell.length_c   121.140
_cell.angle_alpha   90.000
_cell.angle_beta   94.990
_cell.angle_gamma   90.000
#
_symmetry.space_group_name_H-M   'P 1 21 1'
#
loop_
_entity.id
_entity.type
_entity.pdbx_description
1 polymer 'Sugar ABC transporter, periplasmic sugar-binding protein'
2 non-polymer 'CHLORIDE ION'
3 non-polymer 'SODIUM ION'
4 non-polymer 'CARBON DIOXIDE'
5 non-polymer HYPOPHOSPHITE
6 non-polymer 'PHOSPHATE ION'
7 non-polymer 1,2-ETHANEDIOL
8 non-polymer 1,3-PROPANDIOL
9 non-polymer GLYCEROL
10 non-polymer '2-HYDROXY BUTANE-1,4-DIOL'
11 non-polymer 'TETRAETHYLENE GLYCOL'
12 non-polymer '[(1S,3R,3aR,6aS)-3-(2-azanyl-6-oxidanylidene-1H-purin-9-yl)-5,5-bis(oxidanyl)-1,3,3a,4,6,6a-hexahydrocyclopenta[c]furan-1-yl]methyl [(2R,3S,4R,5R)-5-[2,4-bis(oxidanylidene)pyrimidin-1-yl]-2-(hydroxymethyl)-4-oxidanyl-oxolan-3-yl] hydrogen phosphate'
13 non-polymer 'CARBONATE ION'
14 non-polymer 'PHOSPHITE ION'
15 water water
#
_entity_poly.entity_id   1
_entity_poly.type   'polypeptide(L)'
_entity_poly.pdbx_seq_one_letter_code
;MMKPEDVIKEQCARAKVVAELWHGFTGGAPKAALENLVVEFNKAQQGRCVRPVPQGGYRDLSTKIKAAFAAGKVPTMAQA
FENNIALYLEAKALLPIESLGVKLQGVNLTFLNAVRFGGVVYGVPFNKSIQVLYYNKDLLKKHGVPVPATLEEFVAAAKK
LSRAEGGPVYWFQPDASTFAYFFFNLGGSYLKDGKLVLNSKEAVEALTLLQNGVKEGWAKPITSGYINQNLGSGPYAFSV
DTSAGYTYYLRAAKFDLGVATLPGRTKGQPGYGLVQGTNLVVFRQASKEEQAVAKDFLEFVLSPRAQAVFATATGYVPVT
EGALKDPVYQAYAAENPDYATIVRQSRYAKFEPALAEWEQIRFDILGQAIKEAILNKADPKAALDRAQKLAEDLLSSRTR
HHHHHH
;
_entity_poly.pdbx_strand_id   A,B
#
loop_
_chem_comp.id
_chem_comp.type
_chem_comp.name
_chem_comp.formula
BGQ non-polymer '2-HYDROXY BUTANE-1,4-DIOL' 'C4 H10 O3'
CL non-polymer 'CHLORIDE ION' 'Cl -1'
CO2 non-polymer 'CARBON DIOXIDE' 'C O2'
CO3 non-polymer 'CARBONATE ION' 'C O3 -2'
EDO non-polymer 1,2-ETHANEDIOL 'C2 H6 O2'
FGO non-polymer '[(1S,3R,3aR,6aS)-3-(2-azanyl-6-oxidanylidene-1H-purin-9-yl)-5,5-bis(oxidanyl)-1,3,3a,4,6,6a-hexahydrocyclopenta[c]furan-1-yl]methyl [(2R,3S,4R,5R)-5-[2,4-bis(oxidanylidene)pyrimidin-1-yl]-2-(hydroxymethyl)-4-oxidanyl-oxolan-3-yl] hydrogen phosphate' 'C22 H28 N7 O13 P'
GOL non-polymer GLYCEROL 'C3 H8 O3'
NA non-polymer 'SODIUM ION' 'Na 1'
PDO non-polymer 1,3-PROPANDIOL 'C3 H8 O2'
PG4 non-polymer 'TETRAETHYLENE GLYCOL' 'C8 H18 O5'
PO2 non-polymer HYPOPHOSPHITE 'O2 P -1'
PO3 non-polymer 'PHOSPHITE ION' 'O3 P -3'
PO4 non-polymer 'PHOSPHATE ION' 'O4 P -3'
#
# COMPACT_ATOMS: atom_id res chain seq x y z
N MET A 2 -0.95 28.24 35.12
CA MET A 2 -2.15 28.41 34.26
C MET A 2 -1.65 29.01 32.96
N LYS A 3 -1.84 28.26 31.87
CA LYS A 3 -1.38 28.55 30.50
C LYS A 3 -2.59 28.52 29.57
N PRO A 4 -2.45 28.99 28.31
CA PRO A 4 -3.61 29.08 27.43
C PRO A 4 -4.24 27.71 27.13
N GLU A 5 -3.46 26.63 26.98
CA GLU A 5 -3.95 25.23 26.75
C GLU A 5 -4.94 24.85 27.87
N ASP A 6 -4.70 25.33 29.10
CA ASP A 6 -5.56 25.08 30.28
C ASP A 6 -6.84 25.89 30.18
N VAL A 7 -6.73 27.16 29.80
CA VAL A 7 -7.93 28.00 29.61
C VAL A 7 -8.80 27.33 28.53
N ILE A 8 -8.22 26.91 27.42
CA ILE A 8 -9.00 26.30 26.31
C ILE A 8 -9.71 25.01 26.79
N LYS A 9 -9.03 24.12 27.50
CA LYS A 9 -9.65 22.88 28.05
C LYS A 9 -10.92 23.24 28.83
N GLU A 10 -10.86 24.23 29.70
CA GLU A 10 -12.05 24.68 30.45
C GLU A 10 -13.13 25.21 29.50
N GLN A 11 -12.73 26.01 28.51
CA GLN A 11 -13.68 26.60 27.54
C GLN A 11 -14.39 25.47 26.82
N CYS A 12 -13.66 24.44 26.37
CA CYS A 12 -14.23 23.38 25.51
C CYS A 12 -15.10 22.44 26.38
N ALA A 13 -14.83 22.31 27.69
CA ALA A 13 -15.60 21.43 28.60
C ALA A 13 -17.02 21.96 28.70
N ARG A 14 -17.18 23.29 28.69
CA ARG A 14 -18.48 23.97 28.84
C ARG A 14 -19.16 24.26 27.49
N ALA A 15 -18.58 23.82 26.37
CA ALA A 15 -19.13 24.08 25.01
C ALA A 15 -20.03 22.92 24.57
N LYS A 16 -21.18 23.21 23.98
CA LYS A 16 -22.01 22.20 23.27
C LYS A 16 -21.39 21.88 21.91
N VAL A 17 -20.83 22.86 21.21
CA VAL A 17 -20.25 22.56 19.88
C VAL A 17 -18.77 22.94 19.89
N VAL A 18 -18.00 21.94 19.50
CA VAL A 18 -16.53 21.94 19.50
C VAL A 18 -16.01 21.73 18.07
N ALA A 19 -15.31 22.73 17.54
CA ALA A 19 -14.64 22.58 16.23
C ALA A 19 -13.15 22.36 16.47
N GLU A 20 -12.65 21.16 16.22
CA GLU A 20 -11.22 20.83 16.33
C GLU A 20 -10.46 21.49 15.18
N LEU A 21 -9.30 22.03 15.52
CA LEU A 21 -8.37 22.65 14.54
C LEU A 21 -7.05 21.91 14.72
N TRP A 22 -6.75 21.03 13.77
CA TRP A 22 -5.49 20.24 13.81
C TRP A 22 -4.35 21.03 13.22
N HIS A 23 -3.25 21.12 13.96
CA HIS A 23 -2.10 21.94 13.60
C HIS A 23 -0.78 21.22 13.73
N GLY A 24 0.25 21.82 13.17
CA GLY A 24 1.63 21.28 13.20
C GLY A 24 2.57 22.16 13.96
N PHE A 25 2.09 23.02 14.85
CA PHE A 25 3.00 23.80 15.74
C PHE A 25 3.37 22.91 16.93
N THR A 26 4.69 22.74 17.13
CA THR A 26 5.31 21.91 18.20
C THR A 26 5.62 22.71 19.45
N GLY A 27 5.67 24.04 19.35
CA GLY A 27 5.91 24.85 20.53
C GLY A 27 6.32 26.23 20.11
N GLY A 28 7.05 26.89 21.01
CA GLY A 28 7.60 28.20 20.71
C GLY A 28 6.51 29.26 20.54
N ALA A 29 6.88 30.37 19.94
CA ALA A 29 5.98 31.53 19.77
C ALA A 29 4.84 31.13 18.83
N PRO A 30 5.02 30.32 17.75
CA PRO A 30 3.90 29.98 16.88
C PRO A 30 2.75 29.27 17.65
N LYS A 31 3.10 28.28 18.44
CA LYS A 31 2.07 27.56 19.22
C LYS A 31 1.42 28.48 20.26
N ALA A 32 2.15 29.30 20.98
CA ALA A 32 1.63 30.23 22.00
C ALA A 32 0.69 31.23 21.32
N ALA A 33 1.08 31.72 20.13
CA ALA A 33 0.28 32.80 19.45
C ALA A 33 -1.01 32.18 18.89
N LEU A 34 -0.95 30.96 18.39
CA LEU A 34 -2.19 30.26 17.98
C LEU A 34 -3.07 30.04 19.21
N GLU A 35 -2.53 29.54 20.32
CA GLU A 35 -3.38 29.33 21.54
C GLU A 35 -3.97 30.64 22.07
N ASN A 36 -3.24 31.73 22.05
CA ASN A 36 -3.73 33.05 22.52
C ASN A 36 -4.91 33.52 21.63
N LEU A 37 -4.82 33.33 20.34
CA LEU A 37 -5.89 33.68 19.38
CA LEU A 37 -5.92 33.67 19.39
C LEU A 37 -7.13 32.83 19.69
N VAL A 38 -6.94 31.56 19.91
CA VAL A 38 -8.11 30.67 20.19
C VAL A 38 -8.75 31.01 21.55
N VAL A 39 -7.96 31.32 22.58
CA VAL A 39 -8.49 31.78 23.88
C VAL A 39 -9.38 33.01 23.67
N GLU A 40 -8.92 33.99 22.93
CA GLU A 40 -9.63 35.27 22.74
C GLU A 40 -10.94 34.95 21.97
N PHE A 41 -10.83 34.18 20.88
CA PHE A 41 -12.01 33.72 20.10
C PHE A 41 -13.04 33.03 21.01
N ASN A 42 -12.63 32.06 21.82
CA ASN A 42 -13.55 31.23 22.65
C ASN A 42 -14.25 32.13 23.68
N LYS A 43 -13.55 33.14 24.19
CA LYS A 43 -14.17 34.10 25.17
C LYS A 43 -15.38 34.79 24.60
N ALA A 44 -15.39 35.06 23.30
CA ALA A 44 -16.48 35.81 22.64
C ALA A 44 -17.63 34.86 22.29
N GLN A 45 -17.56 33.56 22.55
CA GLN A 45 -18.62 32.59 22.17
C GLN A 45 -19.54 32.26 23.33
N GLN A 46 -20.70 31.70 23.04
CA GLN A 46 -21.55 31.07 24.06
C GLN A 46 -21.87 29.65 23.63
N GLY A 47 -21.35 28.68 24.34
CA GLY A 47 -21.64 27.24 24.10
C GLY A 47 -20.98 26.64 22.86
N ARG A 48 -19.98 27.33 22.33
CA ARG A 48 -19.23 26.90 21.12
C ARG A 48 -17.74 27.21 21.35
N CYS A 49 -16.85 26.47 20.75
CA CYS A 49 -15.41 26.74 20.97
C CYS A 49 -14.62 26.14 19.81
N VAL A 50 -13.43 26.62 19.59
CA VAL A 50 -12.40 25.95 18.75
C VAL A 50 -11.41 25.27 19.70
N ARG A 51 -11.11 24.01 19.42
CA ARG A 51 -10.11 23.23 20.18
C ARG A 51 -8.93 22.95 19.26
N PRO A 52 -7.78 23.59 19.52
CA PRO A 52 -6.58 23.31 18.78
C PRO A 52 -5.99 21.96 19.23
N VAL A 53 -5.62 21.12 18.27
CA VAL A 53 -5.05 19.79 18.55
C VAL A 53 -3.69 19.69 17.87
N PRO A 54 -2.59 19.71 18.63
CA PRO A 54 -1.27 19.49 18.00
C PRO A 54 -1.13 18.07 17.44
N GLN A 55 -0.63 17.96 16.21
CA GLN A 55 -0.52 16.63 15.56
C GLN A 55 0.95 16.31 15.34
N GLY A 56 1.88 17.05 15.94
CA GLY A 56 3.32 16.90 15.72
C GLY A 56 3.76 17.97 14.72
N GLY A 57 4.59 17.69 13.78
CA GLY A 57 4.88 18.73 12.79
C GLY A 57 3.95 18.63 11.60
N TYR A 58 4.29 19.34 10.51
CA TYR A 58 3.42 19.41 9.35
C TYR A 58 3.32 18.02 8.72
N ARG A 59 4.40 17.26 8.65
CA ARG A 59 4.45 15.90 8.03
CA ARG A 59 4.21 15.97 7.90
C ARG A 59 3.52 14.97 8.82
N ASP A 60 3.67 15.01 10.12
CA ASP A 60 2.81 14.20 11.02
C ASP A 60 1.33 14.60 10.83
N LEU A 61 1.08 15.92 10.72
CA LEU A 61 -0.30 16.44 10.50
C LEU A 61 -0.88 15.83 9.23
N SER A 62 -0.14 15.79 8.13
CA SER A 62 -0.77 15.32 6.85
C SER A 62 -1.01 13.82 6.96
N THR A 63 -0.12 13.13 7.62
CA THR A 63 -0.26 11.65 7.88
C THR A 63 -1.54 11.40 8.67
N LYS A 64 -1.73 12.17 9.75
CA LYS A 64 -2.87 12.01 10.68
C LYS A 64 -4.15 12.35 9.95
N ILE A 65 -4.19 13.40 9.11
CA ILE A 65 -5.40 13.75 8.32
C ILE A 65 -5.73 12.57 7.36
N LYS A 66 -4.77 12.01 6.63
CA LYS A 66 -5.05 10.83 5.74
C LYS A 66 -5.65 9.66 6.54
N ALA A 67 -5.14 9.39 7.74
CA ALA A 67 -5.61 8.28 8.61
C ALA A 67 -7.04 8.60 9.06
N ALA A 68 -7.30 9.87 9.39
CA ALA A 68 -8.61 10.38 9.84
C ALA A 68 -9.64 10.18 8.72
N PHE A 69 -9.27 10.36 7.45
CA PHE A 69 -10.22 10.11 6.32
C PHE A 69 -10.57 8.63 6.28
N ALA A 70 -9.55 7.76 6.40
CA ALA A 70 -9.76 6.29 6.34
C ALA A 70 -10.62 5.89 7.54
N ALA A 71 -10.47 6.56 8.69
CA ALA A 71 -11.30 6.30 9.89
C ALA A 71 -12.69 6.98 9.83
N GLY A 72 -12.89 7.96 8.93
CA GLY A 72 -14.06 8.87 8.88
C GLY A 72 -14.18 9.76 10.11
N LYS A 73 -13.07 10.25 10.65
CA LYS A 73 -13.05 11.09 11.88
C LYS A 73 -12.27 12.37 11.64
N VAL A 74 -12.59 13.15 10.63
CA VAL A 74 -11.78 14.36 10.36
C VAL A 74 -12.17 15.48 11.36
N PRO A 75 -11.22 16.40 11.62
CA PRO A 75 -11.51 17.59 12.41
C PRO A 75 -12.39 18.56 11.58
N THR A 76 -12.82 19.67 12.17
CA THR A 76 -13.53 20.71 11.44
C THR A 76 -12.56 21.48 10.55
N MET A 77 -11.41 21.82 11.11
CA MET A 77 -10.39 22.64 10.41
C MET A 77 -9.02 21.98 10.56
N ALA A 78 -8.14 22.23 9.60
CA ALA A 78 -6.71 21.95 9.80
C ALA A 78 -5.86 22.91 9.03
N GLN A 79 -4.59 22.98 9.46
CA GLN A 79 -3.58 23.61 8.62
C GLN A 79 -3.29 22.73 7.38
N ALA A 80 -2.96 23.37 6.27
CA ALA A 80 -2.65 22.70 4.98
C ALA A 80 -1.76 23.56 4.11
N PHE A 81 -0.69 22.95 3.57
CA PHE A 81 0.01 23.53 2.42
C PHE A 81 -0.86 23.45 1.18
N GLU A 82 -0.43 24.20 0.15
CA GLU A 82 -1.22 24.23 -1.11
C GLU A 82 -1.27 22.83 -1.73
N ASN A 83 -0.16 22.06 -1.73
CA ASN A 83 -0.13 20.68 -2.27
C ASN A 83 -1.03 19.74 -1.46
N ASN A 84 -1.13 19.93 -0.17
CA ASN A 84 -2.03 19.14 0.72
C ASN A 84 -3.49 19.48 0.31
N ILE A 85 -3.79 20.75 0.01
CA ILE A 85 -5.13 21.14 -0.48
C ILE A 85 -5.46 20.38 -1.77
N ALA A 86 -4.52 20.25 -2.73
CA ALA A 86 -4.75 19.57 -4.00
C ALA A 86 -5.10 18.10 -3.71
N LEU A 87 -4.42 17.47 -2.74
CA LEU A 87 -4.60 16.07 -2.33
C LEU A 87 -5.98 15.92 -1.71
N TYR A 88 -6.36 16.77 -0.79
CA TYR A 88 -7.70 16.63 -0.15
C TYR A 88 -8.81 16.88 -1.15
N LEU A 89 -8.61 17.71 -2.16
CA LEU A 89 -9.63 17.95 -3.20
C LEU A 89 -9.82 16.70 -4.04
N GLU A 90 -8.78 15.90 -4.27
CA GLU A 90 -9.00 14.59 -4.97
C GLU A 90 -10.04 13.80 -4.24
N ALA A 91 -10.10 13.88 -2.93
CA ALA A 91 -11.04 13.15 -2.07
C ALA A 91 -12.35 13.95 -1.92
N LYS A 92 -12.50 15.12 -2.57
CA LYS A 92 -13.70 15.99 -2.45
C LYS A 92 -13.95 16.28 -0.96
N ALA A 93 -12.91 16.48 -0.17
CA ALA A 93 -13.01 16.50 1.30
C ALA A 93 -13.20 17.95 1.81
N LEU A 94 -13.00 18.97 0.97
CA LEU A 94 -12.92 20.36 1.47
C LEU A 94 -14.14 21.20 1.05
N LEU A 95 -14.58 22.00 1.99
CA LEU A 95 -15.65 22.97 1.71
CA LEU A 95 -15.65 23.00 1.73
C LEU A 95 -15.07 24.21 1.05
N PRO A 96 -15.67 24.72 -0.04
CA PRO A 96 -15.26 26.02 -0.57
C PRO A 96 -15.46 27.11 0.49
N ILE A 97 -14.45 27.94 0.72
CA ILE A 97 -14.53 28.96 1.80
C ILE A 97 -15.66 29.96 1.53
N GLU A 98 -15.88 30.39 0.29
CA GLU A 98 -16.92 31.40 0.02
C GLU A 98 -18.30 30.75 0.20
N SER A 99 -18.44 29.43 0.30
CA SER A 99 -19.74 28.76 0.64
C SER A 99 -20.07 29.05 2.12
N LEU A 100 -19.11 29.35 2.99
CA LEU A 100 -19.38 29.70 4.42
C LEU A 100 -19.70 31.18 4.52
N GLY A 101 -19.44 31.94 3.48
CA GLY A 101 -19.68 33.38 3.49
C GLY A 101 -18.51 34.13 4.17
N VAL A 102 -17.32 33.56 4.21
CA VAL A 102 -16.12 34.27 4.73
C VAL A 102 -15.73 35.33 3.69
N LYS A 103 -15.57 36.58 4.06
CA LYS A 103 -15.19 37.68 3.14
C LYS A 103 -13.66 37.65 2.94
N LEU A 104 -13.21 37.55 1.71
CA LEU A 104 -11.75 37.41 1.46
C LEU A 104 -11.17 38.68 0.85
N GLN A 105 -11.95 39.78 0.77
CA GLN A 105 -11.48 41.03 0.13
C GLN A 105 -10.32 41.54 0.98
N GLY A 106 -9.26 41.97 0.40
CA GLY A 106 -8.21 42.47 1.31
C GLY A 106 -7.16 41.40 1.66
N VAL A 107 -7.41 40.10 1.44
CA VAL A 107 -6.34 39.07 1.58
C VAL A 107 -5.38 39.32 0.43
N ASN A 108 -4.09 39.34 0.74
CA ASN A 108 -2.95 39.47 -0.20
C ASN A 108 -3.20 38.51 -1.35
N LEU A 109 -3.23 38.98 -2.59
CA LEU A 109 -3.48 38.09 -3.76
C LEU A 109 -2.36 37.06 -3.94
N THR A 110 -1.13 37.33 -3.53
CA THR A 110 -0.04 36.32 -3.52
C THR A 110 -0.56 35.06 -2.81
N PHE A 111 -1.19 35.26 -1.65
CA PHE A 111 -1.59 34.12 -0.82
C PHE A 111 -2.94 33.60 -1.33
N LEU A 112 -3.85 34.48 -1.70
CA LEU A 112 -5.20 34.02 -2.10
C LEU A 112 -5.13 33.27 -3.46
N ASN A 113 -4.32 33.73 -4.42
CA ASN A 113 -4.16 33.01 -5.71
C ASN A 113 -3.67 31.58 -5.45
N ALA A 114 -2.87 31.36 -4.43
CA ALA A 114 -2.22 30.05 -4.18
C ALA A 114 -3.26 29.02 -3.64
N VAL A 115 -4.41 29.46 -3.12
CA VAL A 115 -5.44 28.60 -2.48
C VAL A 115 -6.65 28.48 -3.42
N ARG A 116 -6.57 29.00 -4.63
CA ARG A 116 -7.64 28.98 -5.68
CA ARG A 116 -7.64 28.98 -5.68
C ARG A 116 -7.37 27.81 -6.64
N PHE A 117 -8.28 26.85 -6.70
CA PHE A 117 -8.21 25.64 -7.54
C PHE A 117 -9.46 25.64 -8.40
N GLY A 118 -9.25 25.75 -9.70
CA GLY A 118 -10.38 25.75 -10.65
C GLY A 118 -11.20 26.99 -10.41
N GLY A 119 -10.55 28.10 -9.99
CA GLY A 119 -11.22 29.38 -9.74
C GLY A 119 -11.89 29.43 -8.37
N VAL A 120 -11.79 28.38 -7.54
CA VAL A 120 -12.53 28.32 -6.25
C VAL A 120 -11.51 28.36 -5.09
N VAL A 121 -11.77 29.20 -4.10
CA VAL A 121 -10.89 29.27 -2.91
C VAL A 121 -11.22 28.12 -1.94
N TYR A 122 -10.18 27.35 -1.61
CA TYR A 122 -10.34 26.20 -0.71
C TYR A 122 -9.55 26.32 0.58
N GLY A 123 -8.84 27.41 0.83
CA GLY A 123 -8.15 27.60 2.11
C GLY A 123 -8.12 29.07 2.46
N VAL A 124 -7.89 29.34 3.74
CA VAL A 124 -7.74 30.72 4.24
C VAL A 124 -6.28 30.87 4.62
N PRO A 125 -5.52 31.72 3.95
CA PRO A 125 -4.15 31.96 4.43
C PRO A 125 -4.21 32.36 5.90
N PHE A 126 -3.31 31.76 6.69
CA PHE A 126 -3.34 31.99 8.15
C PHE A 126 -1.95 32.36 8.63
N ASN A 127 -1.08 31.36 8.58
CA ASN A 127 0.36 31.47 9.03
C ASN A 127 1.21 31.27 7.79
N LYS A 128 1.47 32.35 7.08
CA LYS A 128 2.21 32.30 5.81
C LYS A 128 3.56 32.98 6.08
N SER A 129 4.62 32.28 5.73
CA SER A 129 6.02 32.72 5.98
C SER A 129 6.65 33.04 4.64
N ILE A 130 7.72 33.81 4.70
CA ILE A 130 8.61 34.03 3.55
C ILE A 130 10.03 33.84 4.00
N GLN A 131 10.87 33.34 3.10
CA GLN A 131 12.32 33.30 3.42
C GLN A 131 12.89 34.71 3.52
N VAL A 132 13.81 34.93 4.46
CA VAL A 132 14.58 36.17 4.66
C VAL A 132 16.05 35.79 4.81
N LEU A 133 16.88 36.80 4.74
CA LEU A 133 18.31 36.68 5.05
C LEU A 133 18.46 37.06 6.52
N TYR A 134 18.66 36.07 7.36
CA TYR A 134 19.18 36.27 8.73
C TYR A 134 20.67 36.48 8.69
N TYR A 135 21.17 37.37 9.56
CA TYR A 135 22.63 37.63 9.54
C TYR A 135 23.10 38.10 10.91
N ASN A 136 24.42 38.02 11.05
CA ASN A 136 25.10 38.38 12.32
C ASN A 136 25.60 39.82 12.18
N LYS A 137 24.80 40.75 12.69
CA LYS A 137 25.17 42.17 12.55
C LYS A 137 26.57 42.40 13.09
N ASP A 138 26.94 41.79 14.21
CA ASP A 138 28.24 42.09 14.86
C ASP A 138 29.38 41.67 13.95
N LEU A 139 29.27 40.47 13.38
CA LEU A 139 30.34 39.90 12.57
C LEU A 139 30.51 40.68 11.28
N LEU A 140 29.43 41.10 10.62
CA LEU A 140 29.56 41.90 9.40
C LEU A 140 30.16 43.26 9.78
N LYS A 141 29.73 43.87 10.88
CA LYS A 141 30.31 45.15 11.37
C LYS A 141 31.79 45.01 11.64
N LYS A 142 32.21 43.90 12.24
CA LYS A 142 33.58 43.67 12.65
C LYS A 142 34.49 43.74 11.41
N HIS A 143 34.04 43.28 10.25
CA HIS A 143 34.88 43.16 9.07
C HIS A 143 34.50 44.22 8.02
N GLY A 144 33.64 45.15 8.36
CA GLY A 144 33.18 46.21 7.43
C GLY A 144 32.48 45.67 6.19
N VAL A 145 31.75 44.59 6.33
CA VAL A 145 31.11 43.91 5.18
C VAL A 145 29.67 44.40 5.16
N PRO A 146 29.23 45.08 4.07
CA PRO A 146 27.84 45.47 3.94
C PRO A 146 26.95 44.24 3.80
N VAL A 147 25.67 44.39 4.18
CA VAL A 147 24.68 43.33 3.90
C VAL A 147 24.62 43.12 2.40
N PRO A 148 24.82 41.90 1.90
CA PRO A 148 24.85 41.63 0.46
C PRO A 148 23.46 41.77 -0.16
N ALA A 149 23.41 42.52 -1.28
CA ALA A 149 22.14 42.76 -2.00
C ALA A 149 22.02 41.85 -3.23
N THR A 150 23.09 41.25 -3.70
CA THR A 150 23.07 40.39 -4.87
C THR A 150 23.63 39.04 -4.45
N LEU A 151 23.31 38.07 -5.26
CA LEU A 151 23.84 36.72 -5.10
C LEU A 151 25.38 36.79 -5.22
N GLU A 152 25.88 37.55 -6.18
CA GLU A 152 27.35 37.66 -6.37
C GLU A 152 27.94 38.27 -5.08
N GLU A 153 27.34 39.34 -4.56
CA GLU A 153 27.81 39.95 -3.29
C GLU A 153 27.75 38.94 -2.16
N PHE A 154 26.70 38.14 -2.10
CA PHE A 154 26.47 37.20 -1.00
C PHE A 154 27.57 36.13 -0.99
N VAL A 155 27.89 35.57 -2.14
CA VAL A 155 29.03 34.58 -2.26
C VAL A 155 30.34 35.24 -1.87
N ALA A 156 30.60 36.44 -2.36
CA ALA A 156 31.83 37.17 -2.03
C ALA A 156 31.95 37.38 -0.54
N ALA A 157 30.86 37.80 0.10
CA ALA A 157 30.84 38.10 1.56
C ALA A 157 31.08 36.81 2.33
N ALA A 158 30.40 35.75 1.94
CA ALA A 158 30.57 34.42 2.60
C ALA A 158 32.06 34.04 2.53
N LYS A 159 32.66 34.18 1.36
CA LYS A 159 34.08 33.81 1.15
C LYS A 159 34.98 34.64 2.04
N LYS A 160 34.74 35.95 2.06
CA LYS A 160 35.61 36.91 2.75
C LYS A 160 35.52 36.59 4.26
N LEU A 161 34.29 36.50 4.78
CA LEU A 161 34.07 36.30 6.22
C LEU A 161 34.50 34.89 6.65
N SER A 162 34.37 33.87 5.80
CA SER A 162 34.78 32.49 6.17
C SER A 162 36.32 32.50 6.30
N ARG A 163 37.01 33.15 5.38
CA ARG A 163 38.49 33.24 5.44
C ARG A 163 38.88 33.95 6.73
N ALA A 164 38.23 35.09 7.05
CA ALA A 164 38.53 35.91 8.23
C ALA A 164 38.29 35.13 9.51
N GLU A 165 37.23 34.35 9.61
CA GLU A 165 36.83 33.77 10.91
C GLU A 165 37.27 32.29 10.98
N GLY A 166 37.84 31.73 9.91
CA GLY A 166 38.42 30.38 9.98
C GLY A 166 37.40 29.27 9.90
N GLY A 167 36.18 29.52 9.42
CA GLY A 167 35.20 28.45 9.21
C GLY A 167 34.05 28.96 8.33
N PRO A 168 33.20 28.04 7.83
CA PRO A 168 32.13 28.43 6.91
C PRO A 168 31.01 29.22 7.55
N VAL A 169 30.75 30.44 7.08
CA VAL A 169 29.82 31.29 7.82
C VAL A 169 28.42 31.34 7.20
N TYR A 170 28.19 30.77 6.03
CA TYR A 170 26.82 30.67 5.48
C TYR A 170 26.28 29.29 5.89
N TRP A 171 25.30 29.27 6.79
CA TRP A 171 24.78 28.02 7.32
C TRP A 171 23.51 27.67 6.59
N PHE A 172 23.31 26.39 6.26
CA PHE A 172 22.13 25.98 5.50
C PHE A 172 21.76 24.53 5.84
N GLN A 173 20.46 24.28 5.82
CA GLN A 173 19.90 22.88 5.80
C GLN A 173 19.94 22.37 4.38
N PRO A 174 20.47 21.17 4.13
CA PRO A 174 20.51 20.56 2.78
C PRO A 174 19.11 19.99 2.46
N ASP A 175 18.20 20.87 2.18
CA ASP A 175 16.78 20.52 2.05
C ASP A 175 16.18 21.18 0.82
N ALA A 176 14.93 20.80 0.51
CA ALA A 176 14.22 21.40 -0.64
C ALA A 176 13.94 22.88 -0.48
N SER A 177 13.67 23.34 0.75
CA SER A 177 13.35 24.77 0.98
C SER A 177 14.57 25.61 0.62
N THR A 178 15.77 25.24 1.09
CA THR A 178 17.02 26.01 0.85
C THR A 178 17.36 25.97 -0.63
N PHE A 179 17.23 24.80 -1.25
CA PHE A 179 17.44 24.63 -2.70
C PHE A 179 16.52 25.59 -3.47
N ALA A 180 15.27 25.78 -3.07
CA ALA A 180 14.29 26.62 -3.78
C ALA A 180 14.81 28.04 -3.90
N TYR A 181 15.41 28.58 -2.86
CA TYR A 181 15.99 29.93 -2.91
C TYR A 181 17.00 30.05 -4.04
N PHE A 182 17.96 29.15 -4.08
CA PHE A 182 19.02 29.26 -5.13
C PHE A 182 18.43 28.94 -6.50
N PHE A 183 17.60 27.92 -6.59
CA PHE A 183 16.95 27.49 -7.85
C PHE A 183 16.14 28.62 -8.46
N PHE A 184 15.24 29.22 -7.66
CA PHE A 184 14.36 30.28 -8.21
C PHE A 184 15.24 31.48 -8.61
N ASN A 185 16.27 31.82 -7.85
CA ASN A 185 17.04 33.06 -8.13
C ASN A 185 18.12 32.82 -9.18
N LEU A 186 18.25 31.57 -9.67
CA LEU A 186 19.05 31.30 -10.90
C LEU A 186 18.14 31.11 -12.10
N GLY A 187 16.84 31.48 -12.01
CA GLY A 187 15.86 31.48 -13.09
C GLY A 187 15.15 30.17 -13.26
N GLY A 188 15.21 29.31 -12.27
CA GLY A 188 14.58 27.98 -12.33
C GLY A 188 13.07 27.98 -12.24
N SER A 189 12.45 27.01 -12.89
CA SER A 189 11.01 26.76 -12.73
C SER A 189 10.82 25.26 -12.63
N TYR A 190 9.96 24.86 -11.72
CA TYR A 190 9.67 23.43 -11.54
C TYR A 190 8.76 22.87 -12.64
N LEU A 191 7.87 23.65 -13.26
CA LEU A 191 6.86 23.08 -14.21
C LEU A 191 7.25 23.60 -15.60
N LYS A 192 7.52 22.68 -16.50
CA LYS A 192 7.90 22.98 -17.91
C LYS A 192 6.80 22.46 -18.79
N ASP A 193 5.95 23.38 -19.28
CA ASP A 193 4.79 23.04 -20.14
C ASP A 193 3.99 21.98 -19.38
N GLY A 194 3.77 22.24 -18.09
CA GLY A 194 2.90 21.42 -17.26
C GLY A 194 3.59 20.17 -16.76
N LYS A 195 4.86 19.88 -17.11
CA LYS A 195 5.51 18.64 -16.58
C LYS A 195 6.44 19.03 -15.43
N LEU A 196 6.44 18.25 -14.36
CA LEU A 196 7.39 18.49 -13.22
C LEU A 196 8.78 18.07 -13.67
N VAL A 197 9.74 19.01 -13.57
CA VAL A 197 11.18 18.77 -13.92
C VAL A 197 12.04 19.17 -12.70
N LEU A 198 12.73 18.19 -12.14
CA LEU A 198 13.65 18.41 -11.01
C LEU A 198 15.11 18.53 -11.47
N ASN A 199 15.44 18.17 -12.73
CA ASN A 199 16.82 17.99 -13.22
C ASN A 199 17.13 18.98 -14.35
N SER A 200 16.53 20.19 -14.29
CA SER A 200 16.81 21.22 -15.31
C SER A 200 18.17 21.83 -15.09
N LYS A 201 18.69 22.60 -16.07
CA LYS A 201 20.04 23.11 -15.89
C LYS A 201 20.08 24.01 -14.66
N GLU A 202 19.02 24.80 -14.40
CA GLU A 202 19.07 25.72 -13.21
C GLU A 202 19.06 24.91 -11.91
N ALA A 203 18.41 23.75 -11.84
CA ALA A 203 18.46 22.86 -10.65
C ALA A 203 19.92 22.42 -10.44
N VAL A 204 20.55 21.95 -11.49
CA VAL A 204 21.96 21.47 -11.48
C VAL A 204 22.82 22.65 -11.04
N GLU A 205 22.59 23.86 -11.57
CA GLU A 205 23.43 25.02 -11.18
C GLU A 205 23.27 25.32 -9.67
N ALA A 206 22.04 25.28 -9.18
CA ALA A 206 21.71 25.65 -7.78
C ALA A 206 22.37 24.66 -6.84
N LEU A 207 22.20 23.36 -7.11
CA LEU A 207 22.82 22.33 -6.23
C LEU A 207 24.34 22.35 -6.33
N THR A 208 24.91 22.64 -7.48
CA THR A 208 26.35 22.74 -7.71
C THR A 208 26.86 23.93 -6.90
N LEU A 209 26.12 25.05 -6.88
CA LEU A 209 26.57 26.25 -6.12
C LEU A 209 26.70 25.87 -4.66
N LEU A 210 25.70 25.18 -4.09
CA LEU A 210 25.74 24.80 -2.66
C LEU A 210 26.89 23.80 -2.41
N GLN A 211 27.05 22.79 -3.27
CA GLN A 211 28.10 21.75 -3.08
C GLN A 211 29.47 22.43 -3.16
N ASN A 212 29.63 23.35 -4.09
CA ASN A 212 30.90 24.09 -4.25
C ASN A 212 31.16 24.95 -3.01
N GLY A 213 30.10 25.55 -2.44
CA GLY A 213 30.31 26.34 -1.24
C GLY A 213 30.77 25.49 -0.11
N VAL A 214 30.32 24.23 -0.03
CA VAL A 214 30.77 23.33 1.03
C VAL A 214 32.25 23.06 0.74
N LYS A 215 32.58 22.74 -0.51
CA LYS A 215 33.95 22.34 -0.84
C LYS A 215 34.90 23.52 -0.63
N GLU A 216 34.48 24.72 -0.96
CA GLU A 216 35.32 25.95 -0.88
C GLU A 216 35.41 26.48 0.57
N GLY A 217 34.66 25.93 1.54
CA GLY A 217 34.82 26.34 2.95
C GLY A 217 33.94 27.51 3.39
N TRP A 218 33.00 28.00 2.57
CA TRP A 218 32.15 29.15 3.00
C TRP A 218 30.72 28.75 3.37
N ALA A 219 30.28 27.53 3.04
CA ALA A 219 28.92 27.02 3.30
C ALA A 219 28.97 25.83 4.26
N LYS A 220 28.21 25.90 5.33
CA LYS A 220 28.17 24.89 6.38
CA LYS A 220 28.17 24.90 6.39
C LYS A 220 26.85 24.16 6.38
N PRO A 221 26.85 22.86 6.02
CA PRO A 221 25.63 22.07 6.13
C PRO A 221 25.27 21.79 7.58
N ILE A 222 24.01 22.04 7.93
CA ILE A 222 23.40 21.82 9.25
C ILE A 222 22.58 20.55 9.14
N THR A 223 23.06 19.51 9.76
CA THR A 223 22.45 18.15 9.57
C THR A 223 21.54 17.72 10.71
N SER A 224 21.70 18.31 11.87
CA SER A 224 20.93 17.92 13.07
C SER A 224 20.28 19.18 13.64
N GLY A 225 18.97 19.25 13.56
CA GLY A 225 18.19 20.37 14.10
C GLY A 225 18.13 21.55 13.17
N TYR A 226 17.35 22.53 13.55
CA TYR A 226 17.22 23.82 12.87
C TYR A 226 18.55 24.57 12.94
N ILE A 227 18.78 25.48 11.99
CA ILE A 227 19.99 26.36 12.08
C ILE A 227 20.03 27.11 13.42
N ASN A 228 18.90 27.64 13.87
CA ASN A 228 18.86 28.40 15.15
C ASN A 228 19.20 27.50 16.33
N GLN A 229 19.04 26.19 16.24
CA GLN A 229 19.48 25.30 17.34
C GLN A 229 20.97 25.00 17.27
N ASN A 230 21.70 25.38 16.20
CA ASN A 230 23.13 25.11 16.03
C ASN A 230 24.01 26.36 16.36
N LEU A 231 23.40 27.52 16.55
CA LEU A 231 24.15 28.77 16.76
C LEU A 231 24.99 28.62 18.02
N GLY A 232 26.20 29.15 17.99
CA GLY A 232 26.96 29.21 19.23
C GLY A 232 28.19 28.37 19.06
N SER A 233 28.16 27.45 18.09
CA SER A 233 29.35 26.66 17.75
C SER A 233 29.91 27.12 16.38
N GLY A 234 30.97 27.83 16.34
CA GLY A 234 31.55 28.14 15.03
C GLY A 234 31.02 29.53 14.68
N PRO A 235 31.72 30.21 13.79
CA PRO A 235 31.23 31.52 13.35
C PRO A 235 30.06 31.40 12.39
N TYR A 236 29.12 32.34 12.55
CA TYR A 236 27.89 32.36 11.73
C TYR A 236 27.75 33.77 11.18
N ALA A 237 27.50 33.93 9.88
CA ALA A 237 27.24 35.26 9.29
C ALA A 237 25.84 35.31 8.70
N PHE A 238 25.39 34.23 8.03
CA PHE A 238 24.19 34.30 7.19
C PHE A 238 23.48 32.99 7.13
N SER A 239 22.14 33.05 7.02
CA SER A 239 21.30 31.90 6.65
C SER A 239 20.12 32.48 5.87
N VAL A 240 19.55 31.65 5.00
CA VAL A 240 18.29 31.89 4.24
C VAL A 240 17.26 30.98 4.82
N ASP A 241 16.27 31.56 5.51
CA ASP A 241 15.45 30.74 6.37
C ASP A 241 14.07 31.37 6.52
N THR A 242 13.09 30.57 6.86
CA THR A 242 11.70 31.10 7.10
C THR A 242 11.66 32.27 8.06
N SER A 243 10.83 33.26 7.76
CA SER A 243 10.48 34.37 8.69
C SER A 243 9.89 33.83 9.99
N ALA A 244 9.21 32.70 10.01
CA ALA A 244 8.61 32.13 11.24
C ALA A 244 9.73 31.63 12.16
N GLY A 245 10.98 31.51 11.67
CA GLY A 245 12.13 31.29 12.58
C GLY A 245 12.49 32.46 13.47
N TYR A 246 11.90 33.64 13.27
CA TYR A 246 12.45 34.89 13.84
C TYR A 246 12.65 34.78 15.35
N THR A 247 11.61 34.35 16.09
CA THR A 247 11.68 34.28 17.59
C THR A 247 12.68 33.23 18.04
N TYR A 248 12.84 32.17 17.25
CA TYR A 248 13.76 31.11 17.58
C TYR A 248 15.21 31.58 17.43
N TYR A 249 15.50 32.31 16.36
CA TYR A 249 16.82 32.96 16.20
C TYR A 249 17.08 34.01 17.31
N LEU A 250 16.08 34.78 17.67
CA LEU A 250 16.25 35.82 18.71
C LEU A 250 16.55 35.14 20.02
N ARG A 251 15.90 34.03 20.35
CA ARG A 251 16.09 33.34 21.68
C ARG A 251 17.48 32.70 21.74
N ALA A 252 17.98 32.17 20.64
CA ALA A 252 19.22 31.41 20.56
C ALA A 252 20.46 32.28 20.35
N ALA A 253 20.34 33.40 19.64
CA ALA A 253 21.54 34.15 19.20
C ALA A 253 22.25 34.86 20.37
N LYS A 254 23.56 34.63 20.45
CA LYS A 254 24.38 35.34 21.45
C LYS A 254 24.91 36.64 20.83
N PHE A 255 24.65 36.91 19.56
CA PHE A 255 25.06 38.10 18.78
C PHE A 255 23.83 38.92 18.44
N ASP A 256 24.05 40.10 17.90
CA ASP A 256 22.96 41.00 17.46
C ASP A 256 22.42 40.48 16.12
N LEU A 257 21.19 39.98 16.13
CA LEU A 257 20.55 39.35 14.94
C LEU A 257 20.09 40.44 13.98
N GLY A 258 20.41 40.24 12.73
CA GLY A 258 19.86 41.05 11.64
C GLY A 258 18.93 40.31 10.76
N VAL A 259 18.00 41.04 10.17
CA VAL A 259 17.06 40.50 9.14
C VAL A 259 17.12 41.41 7.94
N ALA A 260 17.37 40.83 6.78
CA ALA A 260 17.44 41.60 5.54
C ALA A 260 16.56 40.92 4.48
N THR A 261 16.17 41.66 3.48
CA THR A 261 15.66 41.05 2.26
C THR A 261 16.71 40.15 1.62
N LEU A 262 16.28 39.21 0.79
CA LEU A 262 17.16 38.21 0.16
C LEU A 262 17.96 38.86 -0.95
N PRO A 263 19.21 38.40 -1.10
CA PRO A 263 20.03 38.80 -2.23
C PRO A 263 19.36 38.32 -3.54
N GLY A 264 19.39 39.21 -4.51
CA GLY A 264 18.75 38.93 -5.81
C GLY A 264 19.79 38.86 -6.91
N ARG A 265 19.36 38.56 -8.14
CA ARG A 265 20.32 38.60 -9.28
C ARG A 265 20.95 40.00 -9.42
N THR A 266 20.19 41.11 -9.31
CA THR A 266 20.64 42.51 -9.32
C THR A 266 20.10 43.27 -8.14
N LYS A 267 20.60 44.48 -7.96
CA LYS A 267 20.10 45.37 -6.91
C LYS A 267 18.75 45.94 -7.31
N GLY A 268 18.26 45.66 -8.52
CA GLY A 268 16.96 46.23 -8.88
C GLY A 268 15.80 45.60 -8.16
N GLN A 269 15.97 44.44 -7.53
CA GLN A 269 14.88 43.78 -6.79
C GLN A 269 15.50 42.76 -5.83
N PRO A 270 14.94 42.57 -4.63
CA PRO A 270 15.28 41.44 -3.75
C PRO A 270 15.13 40.11 -4.52
N GLY A 271 15.86 39.11 -4.06
CA GLY A 271 15.61 37.73 -4.50
C GLY A 271 14.24 37.29 -4.14
N TYR A 272 13.67 36.33 -4.89
CA TYR A 272 12.44 35.68 -4.46
C TYR A 272 12.73 34.78 -3.28
N GLY A 273 11.78 34.78 -2.33
CA GLY A 273 11.76 33.79 -1.26
C GLY A 273 10.69 32.75 -1.47
N LEU A 274 10.91 31.58 -0.86
CA LEU A 274 9.91 30.53 -0.88
C LEU A 274 8.85 30.89 0.15
N VAL A 275 7.58 30.84 -0.23
CA VAL A 275 6.45 31.01 0.72
C VAL A 275 6.22 29.65 1.39
N GLN A 276 6.19 29.63 2.69
CA GLN A 276 5.85 28.39 3.46
C GLN A 276 4.80 28.74 4.51
N GLY A 277 4.68 27.92 5.56
CA GLY A 277 3.53 28.02 6.47
C GLY A 277 2.22 27.62 5.76
N THR A 278 1.08 27.81 6.38
CA THR A 278 -0.11 27.04 6.03
C THR A 278 -1.35 27.92 5.91
N ASN A 279 -2.35 27.32 5.26
CA ASN A 279 -3.73 27.80 5.14
C ASN A 279 -4.58 27.01 6.10
N LEU A 280 -5.74 27.57 6.48
CA LEU A 280 -6.74 26.78 7.16
C LEU A 280 -7.76 26.30 6.12
N VAL A 281 -8.08 25.01 6.21
CA VAL A 281 -9.16 24.41 5.38
C VAL A 281 -10.29 24.01 6.30
N VAL A 282 -11.46 23.76 5.72
CA VAL A 282 -12.66 23.35 6.44
C VAL A 282 -13.17 22.07 5.76
N PHE A 283 -13.28 21.02 6.55
CA PHE A 283 -13.71 19.68 6.06
C PHE A 283 -15.24 19.63 5.90
N ARG A 284 -15.66 19.10 4.75
CA ARG A 284 -17.07 18.82 4.41
C ARG A 284 -17.73 17.94 5.45
N GLN A 285 -16.99 16.98 6.03
CA GLN A 285 -17.57 16.04 7.04
C GLN A 285 -18.05 16.81 8.28
N ALA A 286 -17.59 18.04 8.51
CA ALA A 286 -17.96 18.76 9.75
C ALA A 286 -19.48 19.02 9.78
N SER A 287 -20.05 19.13 10.94
CA SER A 287 -21.47 19.50 11.10
C SER A 287 -21.67 20.95 10.63
N LYS A 288 -22.88 21.29 10.28
CA LYS A 288 -23.27 22.71 10.05
C LYS A 288 -22.93 23.59 11.23
N GLU A 289 -23.11 23.13 12.45
CA GLU A 289 -22.80 23.93 13.66
C GLU A 289 -21.28 24.12 13.81
N GLU A 290 -20.49 23.07 13.58
CA GLU A 290 -19.01 23.16 13.52
C GLU A 290 -18.53 24.10 12.40
N GLN A 291 -19.14 24.06 11.23
CA GLN A 291 -18.83 24.93 10.08
C GLN A 291 -19.15 26.39 10.44
N ALA A 292 -20.23 26.63 11.16
CA ALA A 292 -20.56 28.01 11.59
C ALA A 292 -19.52 28.54 12.59
N VAL A 293 -19.01 27.72 13.51
CA VAL A 293 -17.82 28.08 14.35
C VAL A 293 -16.62 28.38 13.44
N ALA A 294 -16.33 27.54 12.47
CA ALA A 294 -15.16 27.74 11.58
C ALA A 294 -15.36 29.07 10.83
N LYS A 295 -16.55 29.37 10.30
CA LYS A 295 -16.78 30.65 9.60
C LYS A 295 -16.39 31.80 10.50
N ASP A 296 -16.94 31.84 11.70
CA ASP A 296 -16.62 32.88 12.70
C ASP A 296 -15.11 32.91 12.94
N PHE A 297 -14.53 31.76 13.22
CA PHE A 297 -13.10 31.70 13.55
C PHE A 297 -12.27 32.18 12.37
N LEU A 298 -12.65 31.88 11.15
CA LEU A 298 -11.88 32.36 9.96
C LEU A 298 -12.03 33.85 9.77
N GLU A 299 -13.23 34.40 10.01
CA GLU A 299 -13.34 35.89 9.92
C GLU A 299 -12.46 36.51 11.02
N PHE A 300 -12.40 35.93 12.20
CA PHE A 300 -11.57 36.41 13.32
C PHE A 300 -10.07 36.35 12.97
N VAL A 301 -9.59 35.22 12.44
CA VAL A 301 -8.14 35.07 12.07
C VAL A 301 -7.75 36.08 10.97
N LEU A 302 -8.66 36.44 10.08
CA LEU A 302 -8.41 37.45 9.01
C LEU A 302 -8.62 38.88 9.49
N SER A 303 -9.05 39.10 10.74
CA SER A 303 -9.29 40.44 11.23
C SER A 303 -7.95 41.14 11.35
N PRO A 304 -7.92 42.47 11.18
CA PRO A 304 -6.65 43.15 11.26
C PRO A 304 -5.92 43.00 12.60
N ARG A 305 -6.63 43.08 13.74
CA ARG A 305 -5.97 42.91 15.05
C ARG A 305 -5.39 41.50 15.23
N ALA A 306 -6.13 40.44 14.84
CA ALA A 306 -5.62 39.08 15.02
C ALA A 306 -4.36 38.87 14.19
N GLN A 307 -4.37 39.35 12.97
CA GLN A 307 -3.21 39.29 12.05
C GLN A 307 -2.05 40.09 12.61
N ALA A 308 -2.31 41.30 13.08
CA ALA A 308 -1.26 42.16 13.65
C ALA A 308 -0.59 41.45 14.84
N VAL A 309 -1.36 40.85 15.74
CA VAL A 309 -0.81 40.25 16.98
C VAL A 309 -0.08 38.96 16.59
N PHE A 310 -0.69 38.12 15.75
CA PHE A 310 -0.06 36.85 15.36
C PHE A 310 1.27 37.12 14.63
N ALA A 311 1.28 38.03 13.66
CA ALA A 311 2.47 38.33 12.83
C ALA A 311 3.58 38.91 13.71
N THR A 312 3.26 39.86 14.58
CA THR A 312 4.31 40.51 15.44
C THR A 312 4.80 39.52 16.48
N ALA A 313 4.00 38.53 16.88
CA ALA A 313 4.42 37.54 17.88
C ALA A 313 5.39 36.53 17.26
N THR A 314 5.35 36.33 15.95
CA THR A 314 5.94 35.12 15.31
C THR A 314 6.95 35.46 14.20
N GLY A 315 6.76 36.48 13.37
CA GLY A 315 7.53 36.62 12.11
C GLY A 315 6.78 36.06 10.93
N TYR A 316 5.57 35.51 11.10
CA TYR A 316 4.72 35.25 9.95
C TYR A 316 4.35 36.59 9.31
N VAL A 317 3.97 36.49 8.02
CA VAL A 317 3.65 37.65 7.19
C VAL A 317 2.18 37.95 7.43
N PRO A 318 1.81 39.19 7.77
CA PRO A 318 0.37 39.49 7.86
C PRO A 318 -0.27 39.27 6.51
N VAL A 319 -1.42 38.57 6.44
CA VAL A 319 -1.96 38.09 5.15
C VAL A 319 -2.97 39.11 4.56
N THR A 320 -3.28 40.20 5.22
CA THR A 320 -4.28 41.19 4.79
C THR A 320 -3.63 42.57 4.71
N GLU A 321 -4.19 43.41 3.84
CA GLU A 321 -3.83 44.86 3.82
C GLU A 321 -4.20 45.55 5.12
N GLY A 322 -5.35 45.22 5.69
CA GLY A 322 -5.93 45.83 6.89
C GLY A 322 -5.01 45.59 8.09
N ALA A 323 -4.32 44.47 8.09
CA ALA A 323 -3.37 44.20 9.18
C ALA A 323 -2.27 45.29 9.26
N LEU A 324 -1.80 45.78 8.12
CA LEU A 324 -0.63 46.71 8.08
C LEU A 324 -1.05 48.09 8.52
N LYS A 325 -2.36 48.35 8.49
CA LYS A 325 -2.96 49.61 8.98
C LYS A 325 -3.40 49.51 10.43
N ASP A 326 -3.29 48.37 11.04
CA ASP A 326 -3.70 48.21 12.43
C ASP A 326 -2.71 48.87 13.38
N PRO A 327 -3.15 49.63 14.39
CA PRO A 327 -2.25 50.37 15.25
C PRO A 327 -1.27 49.50 16.05
N VAL A 328 -1.67 48.31 16.45
CA VAL A 328 -0.75 47.39 17.16
C VAL A 328 0.36 46.97 16.21
N TYR A 329 0.03 46.64 14.97
CA TYR A 329 1.05 46.33 13.98
C TYR A 329 1.96 47.54 13.77
N GLN A 330 1.38 48.71 13.62
CA GLN A 330 2.21 49.91 13.32
C GLN A 330 3.09 50.26 14.50
N ALA A 331 2.63 50.06 15.71
CA ALA A 331 3.44 50.35 16.92
C ALA A 331 4.66 49.41 16.98
N TYR A 332 4.47 48.10 16.74
CA TYR A 332 5.57 47.13 16.71
C TYR A 332 6.54 47.47 15.59
N ALA A 333 6.05 47.82 14.41
CA ALA A 333 6.88 48.07 13.23
C ALA A 333 7.70 49.34 13.47
N ALA A 334 7.12 50.33 14.19
CA ALA A 334 7.80 51.61 14.45
C ALA A 334 9.01 51.33 15.34
N GLU A 335 8.93 50.34 16.22
CA GLU A 335 10.03 50.06 17.21
C GLU A 335 10.99 49.04 16.64
N ASN A 336 10.62 48.30 15.60
CA ASN A 336 11.40 47.10 15.16
C ASN A 336 11.31 47.04 13.65
N PRO A 337 12.32 47.47 12.90
CA PRO A 337 12.26 47.47 11.42
C PRO A 337 12.20 46.07 10.79
N ASP A 338 12.42 45.03 11.56
CA ASP A 338 12.42 43.66 11.02
C ASP A 338 11.02 43.27 10.53
N TYR A 339 9.98 43.83 11.13
CA TYR A 339 8.61 43.53 10.66
C TYR A 339 8.41 44.06 9.25
N ALA A 340 8.82 45.32 8.99
CA ALA A 340 8.68 45.90 7.67
C ALA A 340 9.56 45.15 6.66
N THR A 341 10.71 44.68 7.11
CA THR A 341 11.62 43.90 6.23
C THR A 341 10.90 42.60 5.78
N ILE A 342 10.24 41.91 6.68
CA ILE A 342 9.49 40.67 6.39
C ILE A 342 8.39 40.98 5.37
N VAL A 343 7.67 42.10 5.59
CA VAL A 343 6.58 42.50 4.66
C VAL A 343 7.14 42.80 3.28
N ARG A 344 8.23 43.58 3.18
CA ARG A 344 8.85 43.91 1.89
C ARG A 344 9.22 42.61 1.19
N GLN A 345 9.86 41.70 1.94
CA GLN A 345 10.33 40.46 1.30
C GLN A 345 9.09 39.71 0.77
N SER A 346 8.00 39.72 1.51
CA SER A 346 6.76 38.99 1.13
C SER A 346 6.26 39.41 -0.23
N ARG A 347 6.64 40.60 -0.75
CA ARG A 347 6.24 41.01 -2.11
C ARG A 347 6.94 40.18 -3.17
N TYR A 348 8.05 39.51 -2.86
CA TYR A 348 8.93 38.81 -3.82
C TYR A 348 8.94 37.34 -3.42
N ALA A 349 7.90 36.65 -3.90
CA ALA A 349 7.42 35.40 -3.27
C ALA A 349 7.17 34.38 -4.35
N LYS A 350 7.68 33.17 -4.18
CA LYS A 350 7.39 32.05 -5.08
C LYS A 350 6.97 30.81 -4.29
N PHE A 351 6.15 30.07 -4.97
CA PHE A 351 5.59 28.79 -4.45
C PHE A 351 6.20 27.61 -5.18
N GLU A 352 6.30 26.52 -4.42
CA GLU A 352 6.48 25.15 -4.95
C GLU A 352 5.24 24.71 -5.68
N PRO A 353 5.34 23.64 -6.49
CA PRO A 353 4.15 23.08 -7.17
C PRO A 353 3.04 22.60 -6.23
N ALA A 354 1.79 22.88 -6.64
CA ALA A 354 0.61 22.47 -5.85
C ALA A 354 0.12 21.08 -6.26
N LEU A 355 0.99 20.12 -6.41
CA LEU A 355 0.68 18.77 -6.86
C LEU A 355 0.32 17.96 -5.65
N ALA A 356 -0.68 17.09 -5.73
CA ALA A 356 -1.03 16.20 -4.61
C ALA A 356 0.17 15.38 -4.11
N GLU A 357 1.12 15.01 -4.97
CA GLU A 357 2.28 14.14 -4.61
C GLU A 357 3.47 14.97 -4.11
N TRP A 358 3.33 16.29 -4.01
CA TRP A 358 4.53 17.14 -3.79
C TRP A 358 5.11 16.95 -2.39
N GLU A 359 4.30 16.71 -1.36
CA GLU A 359 4.90 16.52 -0.03
C GLU A 359 5.86 15.32 -0.04
N GLN A 360 5.46 14.17 -0.59
CA GLN A 360 6.36 13.01 -0.74
C GLN A 360 7.58 13.37 -1.59
N ILE A 361 7.39 14.05 -2.71
CA ILE A 361 8.51 14.37 -3.60
C ILE A 361 9.48 15.29 -2.87
N ARG A 362 8.98 16.38 -2.26
CA ARG A 362 9.93 17.41 -1.74
C ARG A 362 10.82 16.82 -0.66
N PHE A 363 10.34 15.89 0.17
CA PHE A 363 11.14 15.33 1.29
C PHE A 363 11.90 14.09 0.82
N ASP A 364 11.19 13.15 0.23
CA ASP A 364 11.72 11.77 0.10
C ASP A 364 12.49 11.62 -1.21
N ILE A 365 12.31 12.52 -2.16
CA ILE A 365 12.89 12.39 -3.54
C ILE A 365 13.86 13.58 -3.78
N LEU A 366 13.32 14.77 -3.93
CA LEU A 366 14.15 16.00 -4.08
C LEU A 366 15.05 16.21 -2.83
N GLY A 367 14.49 16.26 -1.62
CA GLY A 367 15.28 16.43 -0.38
C GLY A 367 16.38 15.40 -0.27
N GLN A 368 16.09 14.15 -0.68
CA GLN A 368 17.14 13.09 -0.60
C GLN A 368 18.27 13.32 -1.62
N ALA A 369 18.00 13.81 -2.80
CA ALA A 369 18.94 14.12 -3.88
C ALA A 369 19.84 15.27 -3.35
N ILE A 370 19.27 16.23 -2.68
CA ILE A 370 20.03 17.39 -2.16
C ILE A 370 20.99 16.85 -1.07
N LYS A 371 20.48 16.03 -0.15
CA LYS A 371 21.32 15.43 0.92
C LYS A 371 22.44 14.57 0.29
N GLU A 372 22.12 13.71 -0.68
CA GLU A 372 23.17 12.89 -1.34
C GLU A 372 24.29 13.82 -1.83
N ALA A 373 23.95 14.87 -2.60
CA ALA A 373 24.95 15.77 -3.22
C ALA A 373 25.74 16.47 -2.12
N ILE A 374 25.06 16.96 -1.06
CA ILE A 374 25.77 17.84 -0.06
C ILE A 374 26.51 16.95 0.91
N LEU A 375 25.89 15.91 1.43
CA LEU A 375 26.44 15.14 2.58
C LEU A 375 27.26 14.00 2.04
N ASN A 376 26.96 13.46 0.84
CA ASN A 376 27.73 12.31 0.31
C ASN A 376 28.47 12.66 -0.97
N LYS A 377 28.57 13.95 -1.32
CA LYS A 377 29.30 14.41 -2.51
C LYS A 377 28.85 13.65 -3.76
N ALA A 378 27.58 13.32 -3.84
CA ALA A 378 26.99 12.81 -5.12
C ALA A 378 27.10 13.88 -6.19
N ASP A 379 27.37 13.49 -7.44
CA ASP A 379 27.41 14.48 -8.53
C ASP A 379 26.04 15.14 -8.58
N PRO A 380 25.95 16.50 -8.61
CA PRO A 380 24.62 17.13 -8.63
C PRO A 380 23.70 16.64 -9.75
N LYS A 381 24.19 16.58 -11.01
CA LYS A 381 23.32 16.18 -12.11
C LYS A 381 22.89 14.73 -11.89
N ALA A 382 23.81 13.84 -11.51
CA ALA A 382 23.38 12.44 -11.24
C ALA A 382 22.29 12.36 -10.18
N ALA A 383 22.46 13.07 -9.09
CA ALA A 383 21.49 13.03 -7.98
C ALA A 383 20.14 13.53 -8.44
N LEU A 384 20.11 14.63 -9.24
CA LEU A 384 18.82 15.18 -9.71
C LEU A 384 18.20 14.34 -10.82
N ASP A 385 19.04 13.68 -11.64
CA ASP A 385 18.57 12.72 -12.68
C ASP A 385 17.82 11.58 -11.96
N ARG A 386 18.38 11.06 -10.87
CA ARG A 386 17.76 10.00 -10.04
C ARG A 386 16.44 10.56 -9.50
N ALA A 387 16.44 11.77 -8.94
CA ALA A 387 15.22 12.41 -8.38
C ALA A 387 14.14 12.49 -9.47
N GLN A 388 14.49 12.89 -10.68
CA GLN A 388 13.52 13.04 -11.81
C GLN A 388 12.87 11.69 -12.07
N LYS A 389 13.63 10.61 -12.12
CA LYS A 389 13.12 9.30 -12.52
C LYS A 389 12.18 8.80 -11.41
N LEU A 390 12.58 8.96 -10.14
CA LEU A 390 11.71 8.57 -9.00
C LEU A 390 10.43 9.40 -8.99
N ALA A 391 10.50 10.71 -9.28
CA ALA A 391 9.29 11.58 -9.33
C ALA A 391 8.39 11.12 -10.48
N GLU A 392 8.94 10.91 -11.66
CA GLU A 392 8.14 10.40 -12.83
C GLU A 392 7.47 9.07 -12.48
N ASP A 393 8.16 8.13 -11.81
CA ASP A 393 7.56 6.81 -11.46
C ASP A 393 6.40 7.04 -10.47
N LEU A 394 6.59 7.90 -9.47
CA LEU A 394 5.53 8.24 -8.46
C LEU A 394 4.35 8.88 -9.18
N LEU A 395 4.57 9.81 -10.11
CA LEU A 395 3.46 10.52 -10.76
C LEU A 395 2.73 9.55 -11.70
N SER A 396 3.39 8.62 -12.34
CA SER A 396 2.75 7.53 -13.15
C SER A 396 1.90 6.61 -12.28
N SER A 397 2.45 6.14 -11.15
CA SER A 397 1.98 4.93 -10.41
C SER A 397 0.46 4.97 -10.20
N MET B 1 9.54 -39.56 -29.74
CA MET B 1 8.47 -38.93 -30.54
C MET B 1 8.46 -37.42 -30.22
N MET B 2 8.13 -36.59 -31.21
CA MET B 2 7.88 -35.15 -31.02
C MET B 2 6.69 -35.07 -30.09
N LYS B 3 6.89 -34.39 -28.98
CA LYS B 3 5.88 -34.05 -27.93
C LYS B 3 5.77 -32.53 -27.83
N PRO B 4 4.78 -32.01 -27.08
CA PRO B 4 4.66 -30.56 -26.96
C PRO B 4 5.87 -29.89 -26.29
N GLU B 5 6.55 -30.52 -25.32
CA GLU B 5 7.73 -29.89 -24.66
C GLU B 5 8.84 -29.65 -25.72
N ASP B 6 8.86 -30.45 -26.79
CA ASP B 6 9.81 -30.30 -27.92
C ASP B 6 9.39 -29.15 -28.82
N VAL B 7 8.11 -29.05 -29.11
CA VAL B 7 7.59 -27.90 -29.87
C VAL B 7 7.95 -26.63 -29.09
N ILE B 8 7.69 -26.60 -27.78
CA ILE B 8 7.96 -25.38 -26.97
C ILE B 8 9.45 -25.01 -27.00
N LYS B 9 10.37 -25.96 -26.81
CA LYS B 9 11.85 -25.71 -26.93
C LYS B 9 12.17 -25.03 -28.25
N GLU B 10 11.60 -25.50 -29.35
CA GLU B 10 11.87 -24.88 -30.67
C GLU B 10 11.27 -23.48 -30.69
N GLN B 11 10.04 -23.31 -30.15
CA GLN B 11 9.39 -21.97 -30.17
C GLN B 11 10.27 -21.02 -29.36
N CYS B 12 10.79 -21.45 -28.22
CA CYS B 12 11.50 -20.54 -27.28
C CYS B 12 12.91 -20.25 -27.86
N ALA B 13 13.52 -21.16 -28.65
CA ALA B 13 14.85 -20.98 -29.29
C ALA B 13 14.76 -19.81 -30.25
N ARG B 14 13.64 -19.70 -30.98
CA ARG B 14 13.42 -18.66 -32.01
C ARG B 14 12.87 -17.35 -31.43
N ALA B 15 12.63 -17.27 -30.12
CA ALA B 15 12.01 -16.10 -29.47
C ALA B 15 13.07 -15.12 -28.97
N LYS B 16 12.84 -13.83 -29.16
CA LYS B 16 13.61 -12.75 -28.52
C LYS B 16 13.12 -12.58 -27.07
N VAL B 17 11.83 -12.74 -26.80
CA VAL B 17 11.35 -12.54 -25.41
C VAL B 17 10.73 -13.84 -24.90
N VAL B 18 11.24 -14.25 -23.74
CA VAL B 18 10.86 -15.53 -23.09
C VAL B 18 10.32 -15.22 -21.70
N ALA B 19 9.07 -15.57 -21.44
CA ALA B 19 8.46 -15.45 -20.09
C ALA B 19 8.39 -16.87 -19.53
N GLU B 20 9.19 -17.18 -18.50
CA GLU B 20 9.09 -18.50 -17.83
C GLU B 20 7.86 -18.58 -16.95
N LEU B 21 7.22 -19.74 -16.95
CA LEU B 21 6.03 -20.03 -16.10
C LEU B 21 6.42 -21.27 -15.28
N TRP B 22 6.65 -21.09 -13.98
CA TRP B 22 7.04 -22.19 -13.09
C TRP B 22 5.77 -22.86 -12.57
N HIS B 23 5.73 -24.17 -12.67
CA HIS B 23 4.51 -24.92 -12.26
C HIS B 23 4.86 -26.21 -11.50
N GLY B 24 3.84 -26.79 -10.90
CA GLY B 24 3.92 -27.99 -10.05
C GLY B 24 3.20 -29.16 -10.69
N PHE B 25 3.02 -29.20 -12.00
CA PHE B 25 2.47 -30.40 -12.65
C PHE B 25 3.59 -31.38 -12.96
N THR B 26 3.50 -32.58 -12.39
CA THR B 26 4.54 -33.63 -12.51
C THR B 26 4.29 -34.55 -13.70
N GLY B 27 3.08 -34.61 -14.22
CA GLY B 27 2.80 -35.44 -15.38
C GLY B 27 1.31 -35.54 -15.57
N GLY B 28 0.90 -36.61 -16.24
CA GLY B 28 -0.51 -36.89 -16.52
C GLY B 28 -1.17 -35.83 -17.41
N ALA B 29 -2.50 -35.82 -17.36
CA ALA B 29 -3.34 -34.91 -18.18
C ALA B 29 -3.06 -33.45 -17.76
N PRO B 30 -2.86 -33.08 -16.47
CA PRO B 30 -2.63 -31.67 -16.13
C PRO B 30 -1.39 -31.10 -16.85
N LYS B 31 -0.28 -31.80 -16.78
CA LYS B 31 0.95 -31.39 -17.48
C LYS B 31 0.74 -31.31 -19.01
N ALA B 32 0.12 -32.31 -19.59
CA ALA B 32 -0.13 -32.34 -21.04
C ALA B 32 -1.02 -31.20 -21.48
N ALA B 33 -2.05 -30.89 -20.68
CA ALA B 33 -3.04 -29.82 -21.04
C ALA B 33 -2.35 -28.45 -20.90
N LEU B 34 -1.50 -28.28 -19.88
CA LEU B 34 -0.76 -27.02 -19.75
C LEU B 34 0.14 -26.90 -20.97
N GLU B 35 0.90 -27.94 -21.28
CA GLU B 35 1.84 -27.88 -22.47
C GLU B 35 1.11 -27.60 -23.79
N ASN B 36 -0.06 -28.19 -24.03
CA ASN B 36 -0.89 -27.97 -25.24
C ASN B 36 -1.35 -26.52 -25.31
N LEU B 37 -1.75 -25.94 -24.18
CA LEU B 37 -2.21 -24.52 -24.11
C LEU B 37 -1.03 -23.63 -24.46
N VAL B 38 0.13 -23.90 -23.88
CA VAL B 38 1.31 -23.05 -24.17
C VAL B 38 1.73 -23.18 -25.65
N VAL B 39 1.78 -24.38 -26.22
CA VAL B 39 2.06 -24.58 -27.64
C VAL B 39 1.12 -23.68 -28.49
N GLU B 40 -0.16 -23.69 -28.22
CA GLU B 40 -1.15 -22.93 -29.03
C GLU B 40 -0.85 -21.44 -28.90
N PHE B 41 -0.66 -20.99 -27.64
CA PHE B 41 -0.33 -19.58 -27.33
C PHE B 41 0.93 -19.19 -28.15
N ASN B 42 2.01 -19.93 -28.03
CA ASN B 42 3.31 -19.60 -28.65
C ASN B 42 3.16 -19.53 -30.19
N LYS B 43 2.33 -20.39 -30.73
CA LYS B 43 2.13 -20.42 -32.23
C LYS B 43 1.60 -19.07 -32.71
N ALA B 44 0.80 -18.39 -31.90
CA ALA B 44 0.13 -17.14 -32.26
C ALA B 44 1.08 -15.96 -32.06
N GLN B 45 2.31 -16.15 -31.57
CA GLN B 45 3.23 -15.01 -31.28
C GLN B 45 4.27 -14.85 -32.37
N GLN B 46 4.84 -13.65 -32.49
CA GLN B 46 6.04 -13.42 -33.30
C GLN B 46 7.16 -12.97 -32.36
N GLY B 47 8.19 -13.79 -32.21
CA GLY B 47 9.41 -13.44 -31.47
C GLY B 47 9.25 -13.44 -29.95
N ARG B 48 8.15 -14.00 -29.42
CA ARG B 48 7.89 -14.06 -27.96
C ARG B 48 7.30 -15.44 -27.60
N CYS B 49 7.53 -15.91 -26.39
CA CYS B 49 7.05 -17.25 -26.03
C CYS B 49 6.85 -17.32 -24.50
N VAL B 50 5.97 -18.21 -24.07
CA VAL B 50 6.00 -18.67 -22.67
C VAL B 50 6.73 -20.01 -22.61
N ARG B 51 7.53 -20.18 -21.59
CA ARG B 51 8.31 -21.41 -21.34
C ARG B 51 7.89 -21.97 -20.01
N PRO B 52 7.15 -23.08 -19.99
CA PRO B 52 6.74 -23.71 -18.75
C PRO B 52 7.94 -24.50 -18.20
N VAL B 53 8.19 -24.35 -16.92
CA VAL B 53 9.33 -25.03 -16.25
C VAL B 53 8.78 -25.82 -15.08
N PRO B 54 8.84 -27.17 -15.17
CA PRO B 54 8.33 -27.98 -14.07
C PRO B 54 9.23 -27.86 -12.85
N GLN B 55 8.66 -27.71 -11.68
CA GLN B 55 9.50 -27.52 -10.47
C GLN B 55 9.30 -28.72 -9.55
N GLY B 56 8.59 -29.74 -10.00
CA GLY B 56 8.22 -30.91 -9.17
C GLY B 56 6.76 -30.74 -8.79
N GLY B 57 6.37 -31.13 -7.63
CA GLY B 57 4.97 -30.90 -7.21
C GLY B 57 4.83 -29.54 -6.56
N TYR B 58 3.66 -29.27 -5.99
CA TYR B 58 3.40 -27.90 -5.45
C TYR B 58 4.33 -27.56 -4.29
N ARG B 59 4.69 -28.48 -3.41
CA ARG B 59 5.63 -28.22 -2.29
CA ARG B 59 5.59 -28.01 -2.32
C ARG B 59 7.03 -27.87 -2.85
N ASP B 60 7.48 -28.63 -3.82
CA ASP B 60 8.80 -28.34 -4.48
C ASP B 60 8.73 -26.94 -5.10
N LEU B 61 7.61 -26.66 -5.79
CA LEU B 61 7.40 -25.33 -6.45
C LEU B 61 7.57 -24.21 -5.43
N SER B 62 6.90 -24.31 -4.28
CA SER B 62 6.95 -23.28 -3.22
C SER B 62 8.40 -23.16 -2.73
N THR B 63 9.03 -24.30 -2.50
CA THR B 63 10.45 -24.28 -2.03
C THR B 63 11.35 -23.58 -3.06
N LYS B 64 11.18 -23.95 -4.33
CA LYS B 64 12.02 -23.41 -5.44
C LYS B 64 11.78 -21.93 -5.61
N ILE B 65 10.57 -21.43 -5.46
CA ILE B 65 10.30 -19.97 -5.54
C ILE B 65 10.98 -19.24 -4.36
N LYS B 66 10.97 -19.80 -3.17
CA LYS B 66 11.70 -19.19 -2.03
C LYS B 66 13.22 -19.12 -2.33
N ALA B 67 13.76 -20.17 -2.94
CA ALA B 67 15.19 -20.26 -3.32
C ALA B 67 15.49 -19.23 -4.41
N ALA B 68 14.57 -19.03 -5.35
CA ALA B 68 14.66 -18.05 -6.46
C ALA B 68 14.72 -16.65 -5.88
N PHE B 69 13.90 -16.34 -4.89
CA PHE B 69 13.98 -15.01 -4.21
C PHE B 69 15.36 -14.81 -3.56
N ALA B 70 15.84 -15.85 -2.89
CA ALA B 70 17.16 -15.78 -2.22
C ALA B 70 18.26 -15.61 -3.27
N ALA B 71 18.10 -16.21 -4.43
CA ALA B 71 19.04 -16.13 -5.57
C ALA B 71 18.94 -14.81 -6.36
N GLY B 72 17.89 -14.02 -6.16
CA GLY B 72 17.73 -12.69 -6.80
C GLY B 72 17.15 -12.82 -8.23
N LYS B 73 16.56 -13.98 -8.58
CA LYS B 73 16.02 -14.17 -9.96
C LYS B 73 14.77 -15.05 -9.88
N VAL B 74 13.64 -14.45 -10.14
CA VAL B 74 12.32 -15.11 -10.16
C VAL B 74 11.85 -15.22 -11.61
N PRO B 75 10.95 -16.18 -11.90
CA PRO B 75 10.33 -16.30 -13.22
C PRO B 75 9.38 -15.12 -13.47
N THR B 76 8.92 -14.97 -14.68
CA THR B 76 7.84 -14.00 -15.03
C THR B 76 6.53 -14.39 -14.34
N MET B 77 6.19 -15.65 -14.40
CA MET B 77 4.90 -16.19 -13.88
C MET B 77 5.17 -17.44 -13.05
N ALA B 78 4.31 -17.69 -12.09
CA ALA B 78 4.21 -19.01 -11.45
C ALA B 78 2.81 -19.33 -11.06
N GLN B 79 2.62 -20.62 -10.85
CA GLN B 79 1.48 -21.06 -10.04
C GLN B 79 1.65 -20.68 -8.58
N ALA B 80 0.54 -20.38 -7.90
CA ALA B 80 0.51 -20.04 -6.46
C ALA B 80 -0.87 -20.37 -5.87
N PHE B 81 -0.84 -21.04 -4.73
CA PHE B 81 -2.01 -21.04 -3.81
C PHE B 81 -2.20 -19.65 -3.20
N GLU B 82 -3.43 -19.41 -2.76
CA GLU B 82 -3.79 -18.09 -2.11
C GLU B 82 -2.83 -17.77 -0.96
N ASN B 83 -2.44 -18.75 -0.12
CA ASN B 83 -1.54 -18.52 1.07
C ASN B 83 -0.13 -18.12 0.56
N ASN B 84 0.29 -18.66 -0.58
CA ASN B 84 1.61 -18.23 -1.12
C ASN B 84 1.51 -16.87 -1.80
N ILE B 85 0.38 -16.50 -2.37
CA ILE B 85 0.20 -15.09 -2.82
C ILE B 85 0.42 -14.14 -1.59
N ALA B 86 -0.21 -14.41 -0.44
CA ALA B 86 -0.06 -13.63 0.81
C ALA B 86 1.42 -13.53 1.19
N LEU B 87 2.17 -14.62 1.09
CA LEU B 87 3.61 -14.68 1.40
C LEU B 87 4.40 -13.81 0.42
N TYR B 88 4.16 -13.92 -0.87
CA TYR B 88 4.91 -13.09 -1.86
C TYR B 88 4.57 -11.59 -1.76
N LEU B 89 3.37 -11.26 -1.32
CA LEU B 89 2.97 -9.87 -1.12
C LEU B 89 3.75 -9.27 0.03
N GLU B 90 4.09 -10.03 1.05
CA GLU B 90 4.92 -9.48 2.16
C GLU B 90 6.22 -8.95 1.61
N ALA B 91 6.74 -9.53 0.53
CA ALA B 91 7.95 -9.04 -0.14
C ALA B 91 7.63 -8.01 -1.22
N LYS B 92 6.36 -7.63 -1.39
CA LYS B 92 5.90 -6.74 -2.48
C LYS B 92 6.46 -7.24 -3.83
N ALA B 93 6.42 -8.54 -4.05
CA ALA B 93 7.04 -9.21 -5.22
C ALA B 93 6.09 -9.33 -6.43
N LEU B 94 4.79 -9.02 -6.30
CA LEU B 94 3.77 -9.35 -7.31
C LEU B 94 3.17 -8.10 -7.94
N LEU B 95 2.93 -8.16 -9.21
CA LEU B 95 2.23 -7.09 -9.94
C LEU B 95 0.72 -7.27 -9.76
N PRO B 96 -0.03 -6.20 -9.44
CA PRO B 96 -1.51 -6.28 -9.52
C PRO B 96 -1.93 -6.69 -10.94
N ILE B 97 -2.84 -7.64 -11.07
CA ILE B 97 -3.27 -8.15 -12.41
C ILE B 97 -3.91 -6.99 -13.20
N GLU B 98 -4.75 -6.18 -12.56
CA GLU B 98 -5.49 -5.14 -13.31
C GLU B 98 -4.50 -4.08 -13.82
N SER B 99 -3.29 -3.96 -13.27
CA SER B 99 -2.23 -3.04 -13.76
C SER B 99 -1.73 -3.53 -15.13
N LEU B 100 -1.83 -4.81 -15.48
CA LEU B 100 -1.44 -5.32 -16.81
C LEU B 100 -2.54 -5.12 -17.80
N GLY B 101 -3.73 -4.78 -17.32
CA GLY B 101 -4.87 -4.57 -18.22
C GLY B 101 -5.58 -5.89 -18.60
N VAL B 102 -5.37 -6.96 -17.86
CA VAL B 102 -6.10 -8.23 -18.04
C VAL B 102 -7.54 -8.01 -17.58
N LYS B 103 -8.53 -8.29 -18.39
CA LYS B 103 -9.92 -8.10 -17.97
C LYS B 103 -10.39 -9.36 -17.22
N LEU B 104 -11.03 -9.16 -16.09
CA LEU B 104 -11.39 -10.30 -15.18
C LEU B 104 -12.91 -10.43 -15.11
N GLN B 105 -13.68 -9.64 -15.88
CA GLN B 105 -15.18 -9.77 -15.82
C GLN B 105 -15.54 -11.17 -16.27
N GLY B 106 -16.44 -11.82 -15.62
CA GLY B 106 -16.73 -13.19 -16.11
C GLY B 106 -15.94 -14.26 -15.36
N VAL B 107 -14.86 -13.94 -14.63
CA VAL B 107 -14.24 -14.94 -13.74
C VAL B 107 -15.24 -15.20 -12.61
N ASN B 108 -15.41 -16.44 -12.24
CA ASN B 108 -16.25 -16.91 -11.11
C ASN B 108 -15.83 -16.11 -9.87
N LEU B 109 -16.77 -15.48 -9.19
CA LEU B 109 -16.41 -14.66 -7.99
C LEU B 109 -15.90 -15.55 -6.83
N THR B 110 -16.23 -16.82 -6.79
CA THR B 110 -15.68 -17.78 -5.80
C THR B 110 -14.13 -17.75 -5.92
N PHE B 111 -13.66 -17.76 -7.14
CA PHE B 111 -12.21 -17.82 -7.42
C PHE B 111 -11.63 -16.41 -7.30
N LEU B 112 -12.29 -15.43 -7.83
CA LEU B 112 -11.72 -14.07 -7.89
C LEU B 112 -11.64 -13.48 -6.50
N ASN B 113 -12.63 -13.67 -5.64
CA ASN B 113 -12.61 -13.14 -4.26
C ASN B 113 -11.35 -13.67 -3.55
N ALA B 114 -10.98 -14.91 -3.78
CA ALA B 114 -9.88 -15.59 -3.06
C ALA B 114 -8.49 -14.97 -3.43
N VAL B 115 -8.37 -14.28 -4.58
CA VAL B 115 -7.07 -13.73 -5.10
C VAL B 115 -7.05 -12.20 -4.92
N ARG B 116 -8.02 -11.66 -4.21
CA ARG B 116 -8.15 -10.21 -3.89
CA ARG B 116 -8.18 -10.21 -3.87
C ARG B 116 -7.62 -9.96 -2.46
N PHE B 117 -6.61 -9.14 -2.33
CA PHE B 117 -5.89 -8.84 -1.08
C PHE B 117 -5.90 -7.32 -0.97
N GLY B 118 -6.52 -6.80 0.10
CA GLY B 118 -6.66 -5.34 0.26
C GLY B 118 -7.42 -4.73 -0.87
N GLY B 119 -8.36 -5.49 -1.44
CA GLY B 119 -9.25 -5.16 -2.55
C GLY B 119 -8.58 -5.23 -3.90
N VAL B 120 -7.35 -5.74 -3.98
CA VAL B 120 -6.58 -5.74 -5.24
C VAL B 120 -6.35 -7.20 -5.70
N VAL B 121 -6.61 -7.50 -6.97
CA VAL B 121 -6.41 -8.85 -7.50
C VAL B 121 -4.91 -9.05 -7.79
N TYR B 122 -4.33 -10.10 -7.23
CA TYR B 122 -2.91 -10.43 -7.41
C TYR B 122 -2.70 -11.80 -8.04
N GLY B 123 -3.73 -12.52 -8.48
CA GLY B 123 -3.53 -13.80 -9.13
C GLY B 123 -4.69 -14.02 -10.12
N VAL B 124 -4.42 -14.80 -11.16
CA VAL B 124 -5.45 -15.16 -12.15
C VAL B 124 -5.81 -16.60 -11.86
N PRO B 125 -7.03 -16.91 -11.45
CA PRO B 125 -7.40 -18.30 -11.30
C PRO B 125 -7.17 -19.06 -12.61
N PHE B 126 -6.56 -20.24 -12.52
CA PHE B 126 -6.12 -20.94 -13.74
C PHE B 126 -6.62 -22.38 -13.69
N ASN B 127 -6.04 -23.14 -12.82
CA ASN B 127 -6.37 -24.60 -12.58
C ASN B 127 -6.94 -24.72 -11.18
N LYS B 128 -8.21 -24.47 -11.05
CA LYS B 128 -8.94 -24.49 -9.75
C LYS B 128 -9.77 -25.78 -9.69
N SER B 129 -9.55 -26.55 -8.62
CA SER B 129 -10.23 -27.86 -8.36
C SER B 129 -11.27 -27.70 -7.29
N ILE B 130 -12.18 -28.65 -7.24
CA ILE B 130 -13.09 -28.80 -6.08
C ILE B 130 -13.05 -30.26 -5.72
N GLN B 131 -13.21 -30.56 -4.45
CA GLN B 131 -13.39 -31.96 -4.00
C GLN B 131 -14.72 -32.49 -4.55
N VAL B 132 -14.75 -33.78 -4.92
CA VAL B 132 -15.95 -34.50 -5.34
C VAL B 132 -15.95 -35.85 -4.64
N LEU B 133 -17.10 -36.50 -4.73
CA LEU B 133 -17.22 -37.90 -4.26
C LEU B 133 -17.00 -38.82 -5.45
N TYR B 134 -15.83 -39.43 -5.45
CA TYR B 134 -15.50 -40.56 -6.35
C TYR B 134 -16.13 -41.80 -5.77
N TYR B 135 -16.69 -42.65 -6.60
CA TYR B 135 -17.24 -43.93 -6.10
C TYR B 135 -17.19 -45.02 -7.14
N ASN B 136 -17.33 -46.23 -6.66
CA ASN B 136 -17.33 -47.46 -7.44
C ASN B 136 -18.78 -47.81 -7.78
N LYS B 137 -19.25 -47.43 -8.99
CA LYS B 137 -20.64 -47.68 -9.34
C LYS B 137 -20.95 -49.20 -9.20
N ASP B 138 -20.03 -50.05 -9.60
CA ASP B 138 -20.26 -51.52 -9.57
C ASP B 138 -20.52 -51.98 -8.14
N LEU B 139 -19.68 -51.58 -7.20
CA LEU B 139 -19.75 -52.08 -5.81
C LEU B 139 -21.00 -51.51 -5.11
N LEU B 140 -21.41 -50.28 -5.39
CA LEU B 140 -22.66 -49.77 -4.78
C LEU B 140 -23.85 -50.57 -5.35
N LYS B 141 -23.85 -50.84 -6.64
CA LYS B 141 -24.96 -51.62 -7.26
C LYS B 141 -24.95 -53.06 -6.73
N LYS B 142 -23.77 -53.59 -6.50
CA LYS B 142 -23.61 -54.98 -5.96
C LYS B 142 -24.34 -55.13 -4.62
N HIS B 143 -24.45 -54.07 -3.81
CA HIS B 143 -25.13 -54.20 -2.49
C HIS B 143 -26.35 -53.29 -2.37
N GLY B 144 -26.87 -52.81 -3.47
CA GLY B 144 -28.11 -52.02 -3.49
C GLY B 144 -28.00 -50.73 -2.72
N VAL B 145 -26.85 -50.06 -2.76
CA VAL B 145 -26.60 -48.87 -1.93
C VAL B 145 -26.72 -47.68 -2.86
N PRO B 146 -27.66 -46.78 -2.56
CA PRO B 146 -27.78 -45.54 -3.35
C PRO B 146 -26.57 -44.64 -3.08
N VAL B 147 -26.19 -43.82 -4.04
CA VAL B 147 -25.15 -42.79 -3.77
C VAL B 147 -25.57 -41.92 -2.57
N PRO B 148 -24.71 -41.76 -1.53
CA PRO B 148 -25.11 -41.07 -0.29
C PRO B 148 -25.17 -39.56 -0.50
N ALA B 149 -26.29 -38.93 -0.11
CA ALA B 149 -26.45 -37.47 -0.26
C ALA B 149 -26.17 -36.74 1.06
N THR B 150 -26.14 -37.42 2.18
CA THR B 150 -25.85 -36.81 3.49
C THR B 150 -24.66 -37.51 4.13
N LEU B 151 -24.05 -36.83 5.06
CA LEU B 151 -22.98 -37.37 5.89
C LEU B 151 -23.51 -38.62 6.57
N GLU B 152 -24.70 -38.54 7.16
CA GLU B 152 -25.28 -39.73 7.84
C GLU B 152 -25.36 -40.88 6.84
N GLU B 153 -25.90 -40.63 5.63
CA GLU B 153 -26.05 -41.72 4.63
C GLU B 153 -24.67 -42.28 4.26
N PHE B 154 -23.67 -41.41 4.19
CA PHE B 154 -22.32 -41.78 3.72
C PHE B 154 -21.65 -42.71 4.75
N VAL B 155 -21.74 -42.37 6.02
CA VAL B 155 -21.29 -43.25 7.13
C VAL B 155 -22.03 -44.58 7.10
N ALA B 156 -23.34 -44.56 6.97
CA ALA B 156 -24.14 -45.79 6.89
C ALA B 156 -23.74 -46.66 5.73
N ALA B 157 -23.48 -46.06 4.58
CA ALA B 157 -23.15 -46.77 3.33
C ALA B 157 -21.77 -47.38 3.49
N ALA B 158 -20.85 -46.61 4.07
CA ALA B 158 -19.49 -47.15 4.26
C ALA B 158 -19.56 -48.37 5.20
N LYS B 159 -20.34 -48.26 6.27
CA LYS B 159 -20.44 -49.37 7.23
C LYS B 159 -21.03 -50.60 6.54
N LYS B 160 -22.13 -50.39 5.82
CA LYS B 160 -22.83 -51.50 5.16
C LYS B 160 -21.92 -52.19 4.14
N LEU B 161 -21.30 -51.43 3.28
CA LEU B 161 -20.41 -51.97 2.19
C LEU B 161 -19.15 -52.62 2.81
N SER B 162 -18.56 -52.06 3.87
CA SER B 162 -17.38 -52.66 4.50
C SER B 162 -17.76 -54.00 5.15
N ARG B 163 -18.92 -54.09 5.83
CA ARG B 163 -19.34 -55.38 6.40
C ARG B 163 -19.51 -56.40 5.26
N ALA B 164 -20.17 -56.03 4.19
CA ALA B 164 -20.49 -56.93 3.07
C ALA B 164 -19.20 -57.38 2.37
N GLU B 165 -18.18 -56.55 2.26
CA GLU B 165 -17.00 -56.86 1.43
C GLU B 165 -15.83 -57.34 2.30
N GLY B 166 -15.92 -57.18 3.61
CA GLY B 166 -14.86 -57.68 4.50
C GLY B 166 -13.69 -56.77 4.68
N GLY B 167 -13.82 -55.47 4.41
CA GLY B 167 -12.68 -54.56 4.45
C GLY B 167 -13.21 -53.13 4.30
N PRO B 168 -12.42 -52.14 4.75
CA PRO B 168 -12.86 -50.75 4.75
C PRO B 168 -12.95 -50.15 3.36
N VAL B 169 -14.12 -49.62 2.99
CA VAL B 169 -14.35 -49.22 1.59
C VAL B 169 -14.26 -47.71 1.38
N TYR B 170 -14.24 -46.90 2.44
CA TYR B 170 -14.00 -45.45 2.33
C TYR B 170 -12.51 -45.21 2.43
N TRP B 171 -11.86 -44.86 1.33
CA TRP B 171 -10.39 -44.64 1.29
C TRP B 171 -10.08 -43.18 1.44
N PHE B 172 -9.05 -42.84 2.25
CA PHE B 172 -8.72 -41.41 2.48
C PHE B 172 -7.24 -41.29 2.76
N GLN B 173 -6.69 -40.16 2.35
CA GLN B 173 -5.35 -39.72 2.80
C GLN B 173 -5.53 -39.03 4.14
N PRO B 174 -4.73 -39.36 5.14
CA PRO B 174 -4.82 -38.70 6.46
C PRO B 174 -4.08 -37.36 6.37
N ASP B 175 -4.72 -36.41 5.74
CA ASP B 175 -4.09 -35.13 5.38
C ASP B 175 -5.05 -33.96 5.65
N ALA B 176 -4.53 -32.76 5.55
CA ALA B 176 -5.33 -31.55 5.79
C ALA B 176 -6.48 -31.39 4.77
N SER B 177 -6.30 -31.81 3.52
CA SER B 177 -7.36 -31.65 2.49
C SER B 177 -8.58 -32.49 2.88
N THR B 178 -8.37 -33.74 3.26
CA THR B 178 -9.48 -34.66 3.63
C THR B 178 -10.15 -34.19 4.92
N PHE B 179 -9.37 -33.78 5.89
CA PHE B 179 -9.88 -33.20 7.14
C PHE B 179 -10.82 -32.03 6.82
N ALA B 180 -10.44 -31.14 5.93
CA ALA B 180 -11.22 -29.91 5.61
C ALA B 180 -12.63 -30.33 5.19
N TYR B 181 -12.81 -31.34 4.35
CA TYR B 181 -14.16 -31.82 3.98
C TYR B 181 -15.02 -32.08 5.26
N PHE B 182 -14.56 -32.93 6.16
CA PHE B 182 -15.32 -33.27 7.37
C PHE B 182 -15.48 -32.05 8.25
N PHE B 183 -14.40 -31.27 8.44
CA PHE B 183 -14.40 -30.11 9.35
C PHE B 183 -15.43 -29.09 8.84
N PHE B 184 -15.39 -28.76 7.55
CA PHE B 184 -16.30 -27.69 7.05
C PHE B 184 -17.74 -28.21 7.14
N ASN B 185 -18.00 -29.48 6.85
CA ASN B 185 -19.39 -29.98 6.79
C ASN B 185 -19.93 -30.32 8.20
N LEU B 186 -19.08 -30.25 9.21
CA LEU B 186 -19.57 -30.26 10.62
C LEU B 186 -19.66 -28.87 11.22
N GLY B 187 -19.63 -27.84 10.38
CA GLY B 187 -19.81 -26.42 10.72
C GLY B 187 -18.59 -25.77 11.29
N GLY B 188 -17.42 -26.31 10.99
CA GLY B 188 -16.12 -25.76 11.33
C GLY B 188 -15.72 -24.50 10.58
N SER B 189 -14.98 -23.66 11.27
CA SER B 189 -14.26 -22.55 10.64
C SER B 189 -12.88 -22.40 11.25
N TYR B 190 -11.91 -22.13 10.41
CA TYR B 190 -10.52 -22.01 10.89
C TYR B 190 -10.25 -20.67 11.61
N LEU B 191 -10.95 -19.58 11.28
CA LEU B 191 -10.63 -18.24 11.83
C LEU B 191 -11.73 -17.88 12.83
N LYS B 192 -11.35 -17.63 14.06
CA LYS B 192 -12.28 -17.22 15.18
C LYS B 192 -11.89 -15.82 15.56
N ASP B 193 -12.70 -14.86 15.12
CA ASP B 193 -12.46 -13.42 15.39
C ASP B 193 -11.05 -13.10 14.93
N GLY B 194 -10.71 -13.59 13.74
CA GLY B 194 -9.42 -13.31 13.11
C GLY B 194 -8.31 -14.18 13.64
N LYS B 195 -8.51 -15.05 14.64
CA LYS B 195 -7.40 -15.91 15.13
C LYS B 195 -7.48 -17.30 14.49
N LEU B 196 -6.33 -17.86 14.15
CA LEU B 196 -6.30 -19.24 13.61
C LEU B 196 -6.50 -20.19 14.78
N VAL B 197 -7.49 -21.09 14.62
CA VAL B 197 -7.82 -22.12 15.62
C VAL B 197 -7.89 -23.49 14.91
N LEU B 198 -7.00 -24.38 15.31
CA LEU B 198 -6.97 -25.76 14.79
C LEU B 198 -7.65 -26.76 15.72
N ASN B 199 -8.03 -26.37 16.94
CA ASN B 199 -8.47 -27.32 17.99
C ASN B 199 -9.87 -26.97 18.47
N SER B 200 -10.72 -26.42 17.57
CA SER B 200 -12.13 -26.15 17.93
C SER B 200 -12.94 -27.44 18.06
N LYS B 201 -14.13 -27.38 18.64
CA LYS B 201 -14.89 -28.62 18.82
C LYS B 201 -15.15 -29.30 17.48
N GLU B 202 -15.42 -28.50 16.43
CA GLU B 202 -15.71 -29.12 15.10
C GLU B 202 -14.48 -29.84 14.56
N ALA B 203 -13.29 -29.32 14.75
CA ALA B 203 -12.02 -29.98 14.34
C ALA B 203 -11.91 -31.31 15.07
N VAL B 204 -12.12 -31.30 16.41
CA VAL B 204 -12.10 -32.53 17.21
C VAL B 204 -13.16 -33.49 16.70
N GLU B 205 -14.35 -33.02 16.35
CA GLU B 205 -15.42 -33.93 15.88
C GLU B 205 -14.99 -34.57 14.55
N ALA B 206 -14.41 -33.76 13.66
CA ALA B 206 -14.06 -34.21 12.31
C ALA B 206 -12.96 -35.29 12.39
N LEU B 207 -11.89 -35.00 13.15
CA LEU B 207 -10.79 -35.98 13.30
C LEU B 207 -11.30 -37.25 14.05
N THR B 208 -12.17 -37.12 15.02
CA THR B 208 -12.77 -38.24 15.78
C THR B 208 -13.59 -39.10 14.78
N LEU B 209 -14.33 -38.49 13.86
CA LEU B 209 -15.15 -39.26 12.91
C LEU B 209 -14.25 -40.11 12.05
N LEU B 210 -13.14 -39.55 11.57
CA LEU B 210 -12.23 -40.31 10.71
C LEU B 210 -11.53 -41.38 11.54
N GLN B 211 -11.08 -41.08 12.77
CA GLN B 211 -10.36 -42.08 13.58
C GLN B 211 -11.33 -43.22 13.91
N ASN B 212 -12.57 -42.87 14.22
CA ASN B 212 -13.57 -43.91 14.58
C ASN B 212 -13.85 -44.80 13.37
N GLY B 213 -13.83 -44.20 12.18
CA GLY B 213 -14.04 -44.97 10.95
C GLY B 213 -12.96 -45.96 10.76
N VAL B 214 -11.72 -45.62 11.11
CA VAL B 214 -10.62 -46.57 10.98
C VAL B 214 -10.87 -47.66 12.02
N LYS B 215 -11.22 -47.27 13.25
CA LYS B 215 -11.35 -48.30 14.35
C LYS B 215 -12.52 -49.22 13.97
N GLU B 216 -13.59 -48.67 13.40
CA GLU B 216 -14.83 -49.44 13.14
C GLU B 216 -14.69 -50.28 11.84
N GLY B 217 -13.64 -50.13 11.05
CA GLY B 217 -13.39 -51.01 9.91
C GLY B 217 -14.02 -50.51 8.62
N TRP B 218 -14.51 -49.26 8.55
CA TRP B 218 -15.11 -48.74 7.29
C TRP B 218 -14.25 -47.73 6.56
N ALA B 219 -13.24 -47.15 7.23
CA ALA B 219 -12.33 -46.15 6.66
C ALA B 219 -10.90 -46.70 6.55
N LYS B 220 -10.31 -46.55 5.39
CA LYS B 220 -8.96 -47.09 5.10
CA LYS B 220 -8.95 -47.09 5.12
C LYS B 220 -8.01 -45.92 4.86
N PRO B 221 -7.04 -45.72 5.76
CA PRO B 221 -5.99 -44.71 5.53
C PRO B 221 -5.05 -45.15 4.41
N ILE B 222 -4.83 -44.28 3.44
CA ILE B 222 -3.86 -44.45 2.32
C ILE B 222 -2.60 -43.65 2.68
N THR B 223 -1.53 -44.38 2.97
CA THR B 223 -0.27 -43.80 3.45
C THR B 223 0.82 -43.69 2.39
N SER B 224 0.68 -44.40 1.31
CA SER B 224 1.71 -44.37 0.27
C SER B 224 1.03 -44.10 -1.08
N GLY B 225 1.29 -42.96 -1.67
CA GLY B 225 0.73 -42.55 -2.96
C GLY B 225 -0.65 -41.98 -2.85
N TYR B 226 -1.17 -41.58 -3.99
CA TYR B 226 -2.53 -41.07 -4.16
C TYR B 226 -3.50 -42.22 -3.98
N ILE B 227 -4.76 -41.89 -3.64
CA ILE B 227 -5.77 -42.99 -3.60
C ILE B 227 -5.84 -43.76 -4.95
N ASN B 228 -5.84 -43.05 -6.03
CA ASN B 228 -5.95 -43.63 -7.40
C ASN B 228 -4.76 -44.51 -7.73
N GLN B 229 -3.65 -44.38 -7.04
CA GLN B 229 -2.49 -45.31 -7.17
C GLN B 229 -2.61 -46.57 -6.31
N ASN B 230 -3.62 -46.65 -5.41
CA ASN B 230 -3.82 -47.79 -4.51
C ASN B 230 -4.97 -48.72 -4.97
N LEU B 231 -5.70 -48.31 -5.98
CA LEU B 231 -6.94 -49.04 -6.37
C LEU B 231 -6.52 -50.42 -6.87
N GLY B 232 -7.33 -51.43 -6.60
CA GLY B 232 -7.08 -52.71 -7.26
C GLY B 232 -6.68 -53.72 -6.23
N SER B 233 -6.32 -53.24 -5.06
CA SER B 233 -6.14 -54.09 -3.86
C SER B 233 -7.23 -53.77 -2.80
N GLY B 234 -8.15 -54.64 -2.60
CA GLY B 234 -9.08 -54.51 -1.50
C GLY B 234 -10.25 -53.77 -2.12
N PRO B 235 -11.39 -53.86 -1.46
CA PRO B 235 -12.60 -53.26 -1.97
C PRO B 235 -12.60 -51.74 -1.76
N TYR B 236 -13.00 -51.04 -2.81
CA TYR B 236 -13.07 -49.56 -2.82
C TYR B 236 -14.50 -49.17 -3.14
N ALA B 237 -15.14 -48.33 -2.32
CA ALA B 237 -16.49 -47.77 -2.64
C ALA B 237 -16.41 -46.26 -2.90
N PHE B 238 -15.66 -45.54 -2.08
CA PHE B 238 -15.76 -44.09 -2.08
C PHE B 238 -14.48 -43.43 -1.67
N SER B 239 -14.23 -42.23 -2.21
CA SER B 239 -13.19 -41.31 -1.69
C SER B 239 -13.69 -39.89 -1.94
N VAL B 240 -13.22 -38.95 -1.12
CA VAL B 240 -13.44 -37.49 -1.24
C VAL B 240 -12.15 -36.89 -1.71
N ASP B 241 -12.11 -36.40 -2.93
CA ASP B 241 -10.79 -36.14 -3.54
C ASP B 241 -10.93 -35.04 -4.59
N THR B 242 -9.81 -34.41 -4.94
CA THR B 242 -9.80 -33.31 -5.90
C THR B 242 -10.42 -33.77 -7.23
N SER B 243 -11.17 -32.88 -7.89
CA SER B 243 -11.67 -33.03 -9.27
C SER B 243 -10.51 -33.23 -10.25
N ALA B 244 -9.33 -32.69 -10.00
CA ALA B 244 -8.16 -32.81 -10.89
C ALA B 244 -7.59 -34.23 -10.81
N GLY B 245 -8.08 -35.07 -9.90
CA GLY B 245 -7.81 -36.52 -9.90
C GLY B 245 -8.48 -37.28 -11.03
N TYR B 246 -9.44 -36.66 -11.71
CA TYR B 246 -10.42 -37.40 -12.51
C TYR B 246 -9.75 -38.34 -13.49
N THR B 247 -8.76 -37.84 -14.26
CA THR B 247 -8.12 -38.64 -15.33
C THR B 247 -7.28 -39.72 -14.72
N TYR B 248 -6.75 -39.49 -13.52
CA TYR B 248 -5.95 -40.52 -12.85
C TYR B 248 -6.83 -41.67 -12.38
N TYR B 249 -7.96 -41.37 -11.73
CA TYR B 249 -8.95 -42.38 -11.37
C TYR B 249 -9.40 -43.15 -12.62
N LEU B 250 -9.71 -42.46 -13.69
CA LEU B 250 -10.25 -43.11 -14.88
C LEU B 250 -9.21 -44.09 -15.41
N ARG B 251 -7.95 -43.73 -15.47
CA ARG B 251 -6.83 -44.58 -15.99
C ARG B 251 -6.58 -45.79 -15.08
N ALA B 252 -6.76 -45.68 -13.77
CA ALA B 252 -6.40 -46.71 -12.80
C ALA B 252 -7.57 -47.67 -12.55
N ALA B 253 -8.81 -47.18 -12.59
CA ALA B 253 -9.98 -47.96 -12.10
C ALA B 253 -10.29 -49.16 -12.98
N LYS B 254 -10.38 -50.31 -12.36
CA LYS B 254 -10.81 -51.54 -13.09
C LYS B 254 -12.35 -51.64 -13.14
N PHE B 255 -13.00 -50.88 -12.33
CA PHE B 255 -14.46 -50.81 -12.14
C PHE B 255 -15.01 -49.56 -12.84
N ASP B 256 -16.33 -49.48 -12.89
CA ASP B 256 -17.06 -48.31 -13.47
C ASP B 256 -16.98 -47.17 -12.47
N LEU B 257 -16.25 -46.11 -12.81
CA LEU B 257 -16.02 -44.98 -11.90
C LEU B 257 -17.26 -44.08 -11.93
N GLY B 258 -17.69 -43.70 -10.78
CA GLY B 258 -18.71 -42.65 -10.60
C GLY B 258 -18.12 -41.40 -10.05
N VAL B 259 -18.77 -40.29 -10.38
CA VAL B 259 -18.51 -38.97 -9.75
C VAL B 259 -19.86 -38.40 -9.28
N ALA B 260 -19.89 -37.99 -8.03
CA ALA B 260 -21.11 -37.40 -7.42
C ALA B 260 -20.71 -36.12 -6.68
N THR B 261 -21.71 -35.26 -6.44
CA THR B 261 -21.55 -34.17 -5.49
C THR B 261 -21.30 -34.76 -4.09
N LEU B 262 -20.74 -33.95 -3.22
CA LEU B 262 -20.36 -34.37 -1.86
C LEU B 262 -21.59 -34.50 -0.99
N PRO B 263 -21.60 -35.52 -0.10
CA PRO B 263 -22.60 -35.59 0.97
C PRO B 263 -22.55 -34.34 1.83
N GLY B 264 -23.74 -33.84 2.14
CA GLY B 264 -23.91 -32.65 2.96
C GLY B 264 -24.59 -32.98 4.27
N ARG B 265 -24.75 -31.98 5.12
CA ARG B 265 -25.60 -32.12 6.35
C ARG B 265 -27.01 -32.58 6.02
N THR B 266 -27.72 -32.05 5.00
CA THR B 266 -29.06 -32.47 4.55
C THR B 266 -29.11 -32.62 3.06
N LYS B 267 -30.20 -33.18 2.59
CA LYS B 267 -30.45 -33.37 1.14
C LYS B 267 -30.72 -32.01 0.49
N GLY B 268 -30.87 -30.95 1.27
CA GLY B 268 -31.16 -29.65 0.60
C GLY B 268 -30.02 -29.05 -0.15
N GLN B 269 -28.78 -29.50 0.04
CA GLN B 269 -27.63 -29.00 -0.67
C GLN B 269 -26.48 -29.96 -0.52
N PRO B 270 -25.61 -30.04 -1.56
CA PRO B 270 -24.37 -30.80 -1.46
C PRO B 270 -23.52 -30.25 -0.27
N GLY B 271 -22.68 -31.10 0.26
CA GLY B 271 -21.56 -30.69 1.13
C GLY B 271 -20.67 -29.69 0.46
N TYR B 272 -19.96 -28.86 1.25
CA TYR B 272 -18.89 -28.01 0.73
C TYR B 272 -17.65 -28.83 0.42
N GLY B 273 -17.05 -28.53 -0.71
CA GLY B 273 -15.73 -29.02 -1.10
C GLY B 273 -14.65 -28.06 -0.77
N LEU B 274 -13.40 -28.56 -0.60
CA LEU B 274 -12.23 -27.67 -0.51
C LEU B 274 -11.81 -27.31 -1.93
N VAL B 275 -11.59 -26.02 -2.19
CA VAL B 275 -11.03 -25.54 -3.45
C VAL B 275 -9.51 -25.67 -3.37
N GLN B 276 -8.92 -26.31 -4.35
CA GLN B 276 -7.45 -26.43 -4.46
C GLN B 276 -7.05 -26.09 -5.91
N GLY B 277 -5.86 -26.50 -6.33
CA GLY B 277 -5.32 -25.97 -7.58
C GLY B 277 -4.86 -24.52 -7.40
N THR B 278 -4.40 -23.86 -8.45
CA THR B 278 -3.52 -22.67 -8.29
C THR B 278 -4.02 -21.54 -9.18
N ASN B 279 -3.47 -20.39 -8.90
CA ASN B 279 -3.63 -19.12 -9.62
C ASN B 279 -2.29 -18.82 -10.28
N LEU B 280 -2.29 -18.03 -11.33
CA LEU B 280 -1.05 -17.53 -11.90
C LEU B 280 -0.79 -16.12 -11.40
N VAL B 281 0.44 -15.93 -10.98
CA VAL B 281 0.93 -14.59 -10.52
C VAL B 281 1.99 -14.12 -11.49
N VAL B 282 2.21 -12.81 -11.47
CA VAL B 282 3.21 -12.15 -12.32
C VAL B 282 4.16 -11.34 -11.42
N PHE B 283 5.45 -11.67 -11.50
CA PHE B 283 6.49 -11.05 -10.66
C PHE B 283 6.88 -9.69 -11.23
N ARG B 284 7.01 -8.73 -10.30
CA ARG B 284 7.41 -7.34 -10.54
C ARG B 284 8.74 -7.31 -11.28
N GLN B 285 9.62 -8.27 -10.99
CA GLN B 285 10.99 -8.31 -11.58
C GLN B 285 10.94 -8.46 -13.09
N ALA B 286 9.86 -9.01 -13.64
CA ALA B 286 9.71 -9.20 -15.11
C ALA B 286 9.93 -7.89 -15.90
N SER B 287 10.61 -8.00 -17.04
CA SER B 287 10.86 -6.88 -17.97
C SER B 287 9.49 -6.39 -18.47
N LYS B 288 9.43 -5.16 -18.99
CA LYS B 288 8.16 -4.72 -19.62
C LYS B 288 7.74 -5.66 -20.75
N GLU B 289 8.66 -6.14 -21.55
CA GLU B 289 8.32 -7.09 -22.65
C GLU B 289 7.82 -8.44 -22.09
N GLU B 290 8.43 -8.97 -21.04
CA GLU B 290 7.96 -10.22 -20.37
C GLU B 290 6.57 -10.01 -19.75
N GLN B 291 6.32 -8.85 -19.17
CA GLN B 291 4.98 -8.50 -18.59
C GLN B 291 3.95 -8.45 -19.73
N ALA B 292 4.33 -7.91 -20.88
CA ALA B 292 3.37 -7.89 -22.03
C ALA B 292 3.06 -9.30 -22.52
N VAL B 293 4.03 -10.22 -22.60
CA VAL B 293 3.76 -11.68 -22.83
C VAL B 293 2.80 -12.23 -21.77
N ALA B 294 3.08 -11.97 -20.50
CA ALA B 294 2.24 -12.46 -19.41
C ALA B 294 0.79 -11.95 -19.60
N LYS B 295 0.60 -10.69 -19.91
CA LYS B 295 -0.74 -10.10 -20.09
C LYS B 295 -1.45 -10.90 -21.15
N ASP B 296 -0.79 -11.10 -22.29
CA ASP B 296 -1.42 -11.83 -23.43
C ASP B 296 -1.72 -13.27 -23.00
N PHE B 297 -0.80 -13.90 -22.32
CA PHE B 297 -0.97 -15.29 -21.92
C PHE B 297 -2.12 -15.42 -20.93
N LEU B 298 -2.26 -14.49 -20.00
CA LEU B 298 -3.36 -14.51 -19.01
C LEU B 298 -4.71 -14.29 -19.68
N GLU B 299 -4.80 -13.39 -20.65
CA GLU B 299 -6.06 -13.21 -21.39
C GLU B 299 -6.38 -14.52 -22.12
N PHE B 300 -5.37 -15.17 -22.69
CA PHE B 300 -5.57 -16.47 -23.38
C PHE B 300 -6.05 -17.60 -22.45
N VAL B 301 -5.43 -17.71 -21.26
CA VAL B 301 -5.82 -18.74 -20.25
C VAL B 301 -7.25 -18.53 -19.76
N LEU B 302 -7.74 -17.28 -19.74
CA LEU B 302 -9.11 -16.95 -19.34
C LEU B 302 -10.09 -17.04 -20.51
N SER B 303 -9.62 -17.34 -21.72
CA SER B 303 -10.56 -17.37 -22.88
C SER B 303 -11.44 -18.59 -22.73
N PRO B 304 -12.67 -18.54 -23.29
CA PRO B 304 -13.60 -19.65 -23.11
C PRO B 304 -13.08 -20.96 -23.72
N ARG B 305 -12.45 -20.92 -24.90
CA ARG B 305 -11.91 -22.15 -25.50
C ARG B 305 -10.77 -22.74 -24.67
N ALA B 306 -9.81 -21.95 -24.23
CA ALA B 306 -8.67 -22.47 -23.42
C ALA B 306 -9.19 -23.13 -22.16
N GLN B 307 -10.11 -22.43 -21.49
CA GLN B 307 -10.75 -22.99 -20.27
C GLN B 307 -11.59 -24.23 -20.55
N ALA B 308 -12.34 -24.25 -21.63
CA ALA B 308 -13.09 -25.44 -22.02
C ALA B 308 -12.15 -26.62 -22.22
N VAL B 309 -11.09 -26.46 -23.00
CA VAL B 309 -10.20 -27.59 -23.39
C VAL B 309 -9.45 -28.04 -22.12
N PHE B 310 -8.91 -27.10 -21.37
CA PHE B 310 -8.14 -27.45 -20.15
C PHE B 310 -9.04 -28.21 -19.18
N ALA B 311 -10.23 -27.68 -18.88
CA ALA B 311 -11.13 -28.31 -17.89
C ALA B 311 -11.57 -29.68 -18.36
N THR B 312 -12.01 -29.84 -19.59
CA THR B 312 -12.46 -31.16 -20.11
C THR B 312 -11.30 -32.14 -20.19
N ALA B 313 -10.07 -31.69 -20.32
CA ALA B 313 -8.89 -32.59 -20.38
C ALA B 313 -8.54 -33.10 -18.99
N THR B 314 -8.94 -32.44 -17.93
CA THR B 314 -8.32 -32.60 -16.58
C THR B 314 -9.34 -32.88 -15.49
N GLY B 315 -10.52 -32.30 -15.48
CA GLY B 315 -11.39 -32.31 -14.30
C GLY B 315 -11.22 -31.07 -13.45
N TYR B 316 -10.36 -30.13 -13.83
CA TYR B 316 -10.40 -28.81 -13.21
C TYR B 316 -11.72 -28.13 -13.58
N VAL B 317 -12.06 -27.15 -12.74
CA VAL B 317 -13.33 -26.40 -12.85
C VAL B 317 -13.06 -25.25 -13.81
N PRO B 318 -13.87 -25.09 -14.88
CA PRO B 318 -13.70 -23.90 -15.71
C PRO B 318 -13.89 -22.67 -14.84
N VAL B 319 -13.03 -21.65 -14.95
CA VAL B 319 -13.04 -20.54 -13.99
C VAL B 319 -13.91 -19.37 -14.51
N THR B 320 -14.42 -19.46 -15.72
CA THR B 320 -15.23 -18.36 -16.32
C THR B 320 -16.63 -18.85 -16.69
N GLU B 321 -17.63 -17.93 -16.58
CA GLU B 321 -18.97 -18.21 -17.17
C GLU B 321 -18.84 -18.56 -18.67
N GLY B 322 -18.02 -17.82 -19.40
CA GLY B 322 -17.90 -17.94 -20.87
C GLY B 322 -17.46 -19.37 -21.27
N ALA B 323 -16.66 -20.00 -20.43
CA ALA B 323 -16.20 -21.38 -20.70
C ALA B 323 -17.40 -22.34 -20.79
N LEU B 324 -18.44 -22.15 -19.96
CA LEU B 324 -19.56 -23.13 -19.94
C LEU B 324 -20.43 -22.98 -21.18
N LYS B 325 -20.37 -21.83 -21.84
CA LYS B 325 -21.08 -21.53 -23.09
C LYS B 325 -20.25 -21.90 -24.34
N ASP B 326 -19.07 -22.38 -24.14
CA ASP B 326 -18.23 -22.73 -25.29
C ASP B 326 -18.65 -24.06 -25.88
N PRO B 327 -18.75 -24.19 -27.20
CA PRO B 327 -19.23 -25.45 -27.80
C PRO B 327 -18.41 -26.70 -27.52
N VAL B 328 -17.11 -26.56 -27.38
CA VAL B 328 -16.24 -27.72 -27.05
C VAL B 328 -16.60 -28.18 -25.65
N TYR B 329 -16.76 -27.27 -24.71
CA TYR B 329 -17.17 -27.64 -23.36
C TYR B 329 -18.56 -28.30 -23.40
N GLN B 330 -19.50 -27.73 -24.15
CA GLN B 330 -20.87 -28.27 -24.19
C GLN B 330 -20.89 -29.63 -24.82
N ALA B 331 -20.10 -29.87 -25.87
CA ALA B 331 -20.03 -31.20 -26.53
C ALA B 331 -19.52 -32.27 -25.54
N TYR B 332 -18.44 -31.99 -24.82
CA TYR B 332 -17.89 -32.93 -23.81
C TYR B 332 -18.93 -33.17 -22.72
N ALA B 333 -19.60 -32.14 -22.24
CA ALA B 333 -20.56 -32.22 -21.14
C ALA B 333 -21.77 -33.05 -21.60
N ALA B 334 -22.20 -32.91 -22.85
CA ALA B 334 -23.33 -33.67 -23.40
C ALA B 334 -23.03 -35.16 -23.36
N GLU B 335 -21.78 -35.55 -23.60
CA GLU B 335 -21.29 -36.97 -23.69
C GLU B 335 -21.02 -37.51 -22.31
N ASN B 336 -20.69 -36.65 -21.34
CA ASN B 336 -20.12 -37.13 -20.04
C ASN B 336 -20.69 -36.24 -18.94
N PRO B 337 -21.63 -36.76 -18.16
CA PRO B 337 -22.27 -35.99 -17.10
C PRO B 337 -21.33 -35.61 -15.94
N ASP B 338 -20.15 -36.20 -15.87
CA ASP B 338 -19.14 -35.92 -14.80
C ASP B 338 -18.69 -34.45 -14.86
N TYR B 339 -18.65 -33.85 -16.01
CA TYR B 339 -18.25 -32.41 -16.14
C TYR B 339 -19.30 -31.56 -15.44
N ALA B 340 -20.59 -31.76 -15.70
CA ALA B 340 -21.64 -30.97 -15.04
C ALA B 340 -21.61 -31.20 -13.54
N THR B 341 -21.32 -32.41 -13.10
CA THR B 341 -21.25 -32.74 -11.66
C THR B 341 -20.13 -31.92 -11.02
N ILE B 342 -18.97 -31.78 -11.67
CA ILE B 342 -17.83 -31.04 -11.13
C ILE B 342 -18.24 -29.57 -11.04
N VAL B 343 -18.88 -29.06 -12.07
CA VAL B 343 -19.35 -27.63 -12.08
C VAL B 343 -20.40 -27.41 -10.98
N ARG B 344 -21.35 -28.31 -10.79
CA ARG B 344 -22.36 -28.16 -9.75
C ARG B 344 -21.66 -28.13 -8.40
N GLN B 345 -20.72 -29.05 -8.20
CA GLN B 345 -20.05 -29.09 -6.90
C GLN B 345 -19.26 -27.77 -6.66
N SER B 346 -18.68 -27.19 -7.73
CA SER B 346 -17.87 -25.96 -7.60
C SER B 346 -18.73 -24.82 -7.06
N ARG B 347 -20.03 -24.93 -7.04
CA ARG B 347 -20.93 -23.92 -6.43
C ARG B 347 -20.85 -23.95 -4.92
N TYR B 348 -20.42 -25.06 -4.32
CA TYR B 348 -20.43 -25.29 -2.85
C TYR B 348 -18.98 -25.48 -2.45
N ALA B 349 -18.32 -24.37 -2.24
CA ALA B 349 -16.85 -24.27 -2.26
C ALA B 349 -16.35 -23.45 -1.05
N LYS B 350 -15.36 -24.02 -0.35
CA LYS B 350 -14.70 -23.33 0.79
C LYS B 350 -13.18 -23.40 0.64
N PHE B 351 -12.55 -22.37 1.17
CA PHE B 351 -11.08 -22.23 1.12
C PHE B 351 -10.53 -22.37 2.54
N GLU B 352 -9.26 -22.81 2.53
CA GLU B 352 -8.38 -22.70 3.72
C GLU B 352 -7.94 -21.25 3.88
N PRO B 353 -7.42 -20.88 5.10
CA PRO B 353 -6.95 -19.53 5.33
C PRO B 353 -5.81 -19.07 4.41
N ALA B 354 -5.86 -17.80 3.96
CA ALA B 354 -4.82 -17.25 3.06
C ALA B 354 -3.72 -16.60 3.89
N LEU B 355 -3.22 -17.27 4.89
CA LEU B 355 -2.14 -16.79 5.74
C LEU B 355 -0.81 -17.12 5.10
N ALA B 356 0.15 -16.21 5.12
CA ALA B 356 1.50 -16.47 4.60
C ALA B 356 2.13 -17.74 5.16
N GLU B 357 1.89 -18.10 6.42
CA GLU B 357 2.45 -19.31 7.10
C GLU B 357 1.63 -20.57 6.85
N TRP B 358 0.57 -20.50 6.07
CA TRP B 358 -0.40 -21.64 5.99
C TRP B 358 0.24 -22.85 5.32
N GLU B 359 1.10 -22.69 4.35
CA GLU B 359 1.68 -23.92 3.73
CA GLU B 359 1.81 -23.84 3.71
C GLU B 359 2.44 -24.75 4.77
N GLN B 360 3.29 -24.14 5.58
CA GLN B 360 3.99 -24.85 6.68
C GLN B 360 2.97 -25.42 7.68
N ILE B 361 1.97 -24.66 8.06
CA ILE B 361 0.98 -25.17 9.04
C ILE B 361 0.23 -26.37 8.45
N ARG B 362 -0.29 -26.24 7.22
CA ARG B 362 -1.18 -27.32 6.71
C ARG B 362 -0.46 -28.66 6.65
N PHE B 363 0.84 -28.68 6.31
CA PHE B 363 1.59 -29.92 6.10
C PHE B 363 2.21 -30.37 7.42
N ASP B 364 2.97 -29.47 7.99
CA ASP B 364 3.97 -29.85 9.03
C ASP B 364 3.32 -29.83 10.41
N ILE B 365 2.18 -29.22 10.61
CA ILE B 365 1.53 -29.01 11.94
C ILE B 365 0.14 -29.68 11.94
N LEU B 366 -0.80 -29.13 11.19
CA LEU B 366 -2.13 -29.78 11.03
C LEU B 366 -2.01 -31.18 10.41
N GLY B 367 -1.36 -31.36 9.27
CA GLY B 367 -1.19 -32.66 8.59
C GLY B 367 -0.56 -33.66 9.52
N GLN B 368 0.45 -33.24 10.30
CA GLN B 368 1.12 -34.15 11.25
C GLN B 368 0.18 -34.56 12.39
N ALA B 369 -0.68 -33.66 12.90
CA ALA B 369 -1.66 -33.98 13.96
C ALA B 369 -2.66 -34.99 13.42
N ILE B 370 -3.08 -34.82 12.16
CA ILE B 370 -4.05 -35.79 11.56
C ILE B 370 -3.37 -37.15 11.45
N LYS B 371 -2.14 -37.19 10.97
CA LYS B 371 -1.37 -38.47 10.89
C LYS B 371 -1.21 -39.10 12.28
N GLU B 372 -0.82 -38.32 13.28
CA GLU B 372 -0.68 -38.88 14.65
C GLU B 372 -1.97 -39.58 15.08
N ALA B 373 -3.12 -38.90 14.91
CA ALA B 373 -4.43 -39.47 15.32
C ALA B 373 -4.75 -40.70 14.48
N ILE B 374 -4.58 -40.64 13.16
CA ILE B 374 -5.05 -41.71 12.25
C ILE B 374 -4.08 -42.89 12.33
N LEU B 375 -2.80 -42.64 12.19
CA LEU B 375 -1.83 -43.72 11.95
C LEU B 375 -1.27 -44.14 13.30
N ASN B 376 -1.22 -43.29 14.30
CA ASN B 376 -0.65 -43.68 15.62
C ASN B 376 -1.68 -43.63 16.75
N LYS B 377 -2.98 -43.53 16.44
CA LYS B 377 -4.07 -43.57 17.43
C LYS B 377 -3.83 -42.53 18.53
N ALA B 378 -3.23 -41.39 18.20
CA ALA B 378 -3.21 -40.27 19.18
C ALA B 378 -4.65 -39.80 19.44
N ASP B 379 -4.93 -39.36 20.66
CA ASP B 379 -6.26 -38.83 20.99
C ASP B 379 -6.48 -37.60 20.12
N PRO B 380 -7.63 -37.49 19.43
CA PRO B 380 -7.83 -36.34 18.55
C PRO B 380 -7.66 -34.97 19.19
N LYS B 381 -8.26 -34.78 20.38
CA LYS B 381 -8.16 -33.49 21.03
C LYS B 381 -6.68 -33.24 21.37
N ALA B 382 -6.02 -34.20 22.00
CA ALA B 382 -4.57 -34.00 22.30
C ALA B 382 -3.74 -33.65 21.06
N ALA B 383 -3.93 -34.36 19.98
CA ALA B 383 -3.19 -34.10 18.70
C ALA B 383 -3.44 -32.70 18.19
N LEU B 384 -4.70 -32.23 18.20
CA LEU B 384 -5.04 -30.87 17.73
C LEU B 384 -4.62 -29.79 18.73
N ASP B 385 -4.63 -30.06 20.05
CA ASP B 385 -4.16 -29.10 21.05
C ASP B 385 -2.64 -28.90 20.79
N ARG B 386 -1.90 -29.96 20.45
CA ARG B 386 -0.47 -29.84 20.13
C ARG B 386 -0.35 -29.01 18.85
N ALA B 387 -1.13 -29.31 17.83
CA ALA B 387 -1.07 -28.52 16.58
C ALA B 387 -1.37 -27.04 16.85
N GLN B 388 -2.36 -26.72 17.69
CA GLN B 388 -2.70 -25.30 18.01
C GLN B 388 -1.49 -24.57 18.62
N LYS B 389 -0.82 -25.19 19.57
CA LYS B 389 0.34 -24.58 20.26
C LYS B 389 1.48 -24.34 19.25
N LEU B 390 1.76 -25.32 18.40
CA LEU B 390 2.84 -25.20 17.37
C LEU B 390 2.48 -24.08 16.37
N ALA B 391 1.21 -24.01 15.96
CA ALA B 391 0.73 -22.95 15.04
C ALA B 391 0.87 -21.58 15.72
N GLU B 392 0.47 -21.45 16.99
CA GLU B 392 0.60 -20.17 17.73
C GLU B 392 2.09 -19.81 17.84
N ASP B 393 2.99 -20.75 18.13
CA ASP B 393 4.45 -20.46 18.25
C ASP B 393 4.95 -19.93 16.88
N LEU B 394 4.58 -20.59 15.79
CA LEU B 394 4.97 -20.20 14.42
C LEU B 394 4.44 -18.81 14.09
N LEU B 395 3.21 -18.50 14.43
CA LEU B 395 2.60 -17.21 14.08
C LEU B 395 3.19 -16.09 14.92
N SER B 396 3.53 -16.34 16.17
CA SER B 396 4.08 -15.26 17.03
C SER B 396 5.55 -15.05 16.64
N SER B 397 6.28 -16.10 16.24
CA SER B 397 7.66 -16.02 15.70
C SER B 397 7.65 -15.24 14.37
CL CL C . 32.65 29.98 19.42
NA NA D . 23.94 26.56 21.76
C CO2 E . -8.37 43.55 5.40
O1 CO2 E . -8.90 43.47 6.45
O2 CO2 E . -7.73 43.82 4.47
C CO2 F . 31.74 29.08 -6.86
O1 CO2 F . 31.78 29.99 -6.15
O2 CO2 F . 31.89 28.04 -7.41
C CO2 G . 26.35 33.18 -8.78
O1 CO2 G . 26.46 34.34 -8.67
O2 CO2 G . 26.49 32.03 -8.99
C CO2 H . 14.20 19.95 10.65
O1 CO2 H . 14.48 19.64 11.73
O2 CO2 H . 13.99 20.52 9.65
P PO2 I . 22.67 49.23 13.42
O1 PO2 I . 22.38 48.46 14.89
O2 PO2 I . 22.55 48.41 11.93
P PO2 J . 3.53 43.59 -5.89
O1 PO2 J . 3.38 43.95 -4.23
O2 PO2 J . 4.90 44.23 -6.49
P PO2 K . -3.03 26.68 -7.28
O1 PO2 K . -1.66 27.23 -6.42
O2 PO2 K . -3.19 27.01 -8.92
P PO4 L . 39.68 42.89 9.16
O1 PO4 L . 40.64 43.20 8.01
O2 PO4 L . 39.24 44.21 9.82
O3 PO4 L . 38.44 42.17 8.59
O4 PO4 L . 40.36 42.00 10.18
C1 EDO M . 11.66 49.09 -4.87
O1 EDO M . 10.46 48.43 -4.47
C2 EDO M . 12.79 48.20 -5.22
O2 EDO M . 14.07 48.86 -5.34
C1 EDO N . -15.80 38.02 -0.83
O1 EDO N . -14.80 37.08 -0.45
C2 EDO N . -15.26 39.31 -1.29
O2 EDO N . -15.07 40.20 -0.22
C1 EDO O . -16.29 36.68 13.01
O1 EDO O . -15.68 36.18 14.15
C2 EDO O . -17.70 36.38 12.68
O2 EDO O . -17.92 36.20 11.24
C1 EDO P . -14.71 16.59 14.33
O1 EDO P . -16.03 16.29 13.93
C2 EDO P . -14.64 17.52 15.47
O2 EDO P . -14.30 18.80 15.13
C1 PDO Q . 3.28 27.34 -8.38
O1 PDO Q . 2.89 28.19 -9.47
C2 PDO Q . 2.19 27.11 -7.35
C3 PDO Q . 1.29 28.29 -7.04
O3 PDO Q . 0.50 28.02 -5.87
C1 PDO R . 8.34 39.24 19.81
O1 PDO R . 9.60 39.75 19.47
C2 PDO R . 7.38 40.37 20.15
C3 PDO R . 6.09 39.91 20.80
O3 PDO R . 5.03 40.86 20.67
C1 GOL S . 16.75 42.47 16.70
O1 GOL S . 17.97 41.94 17.21
C2 GOL S . 17.02 43.75 15.91
O2 GOL S . 17.31 43.48 14.53
C3 GOL S . 18.16 44.56 16.50
O3 GOL S . 19.42 44.10 16.03
C1 GOL T . 18.40 44.48 10.89
O1 GOL T . 17.64 43.58 11.67
C2 GOL T . 18.57 45.79 11.61
O2 GOL T . 18.00 45.76 12.92
C3 GOL T . 18.03 46.98 10.84
O3 GOL T . 19.01 48.01 10.83
C1 GOL U . 11.76 20.38 17.78
O1 GOL U . 13.09 20.77 17.44
C2 GOL U . 10.83 21.57 17.82
O2 GOL U . 10.03 21.57 16.64
C3 GOL U . 11.57 22.89 17.97
O3 GOL U . 10.91 23.78 18.86
C1 GOL V . 27.36 31.61 16.02
O1 GOL V . 27.76 30.28 16.21
C2 GOL V . 28.23 32.58 16.80
O2 GOL V . 27.70 32.78 18.12
C3 GOL V . 28.28 33.91 16.09
O3 GOL V . 29.15 33.87 14.97
C1 GOL W . 15.57 37.16 -10.46
O1 GOL W . 15.96 35.84 -10.84
C2 GOL W . 15.55 37.29 -8.94
O2 GOL W . 16.86 37.22 -8.38
C3 GOL W . 14.78 38.49 -8.40
O3 GOL W . 15.60 39.59 -8.03
C1 GOL X . 37.18 27.47 5.54
O1 GOL X . 36.04 27.37 6.36
C2 GOL X . 37.40 28.91 5.20
O2 GOL X . 38.36 29.44 6.13
C3 GOL X . 37.79 29.09 3.75
O3 GOL X . 38.30 30.38 3.48
O1 BGQ Y . 6.09 25.16 24.12
C1 BGQ Y . 7.27 24.51 24.65
C2 BGQ Y . 8.53 25.37 24.49
O2 BGQ Y . 8.38 26.65 25.11
C3 BGQ Y . 8.78 25.63 23.03
C4 BGQ Y . 10.19 25.32 22.52
O4 BGQ Y . 10.15 25.14 21.09
O1 PG4 Z . -6.04 37.37 -9.54
C1 PG4 Z . -5.20 37.60 -10.66
C2 PG4 Z . -4.30 38.76 -10.47
O2 PG4 Z . -3.33 38.43 -9.46
C3 PG4 Z . -2.18 39.25 -9.55
C4 PG4 Z . -1.34 39.13 -8.30
O3 PG4 Z . -0.65 37.88 -8.31
C5 PG4 Z . 0.33 37.75 -7.30
C6 PG4 Z . 1.00 36.44 -7.47
O4 PG4 Z . 0.04 35.39 -7.44
C7 PG4 Z . 0.58 34.07 -7.39
C8 PG4 Z . -0.34 33.12 -8.12
O5 PG4 Z . -0.66 31.92 -7.41
C10 FGO AA . 8.58 24.50 6.92
C11 FGO AA . 8.01 22.91 5.46
C12 FGO AA . 6.45 21.65 4.14
C13 FGO AA . 5.86 21.72 2.82
C14 FGO AA . 7.31 23.33 3.00
C15 FGO AA . 4.88 20.70 2.43
C16 FGO AA . 5.12 19.82 4.58
C17 FGO AA . 9.54 22.98 5.29
C18 FGO AA . 9.91 24.03 6.28
C21 FGO AA . 10.10 21.70 5.76
O12 FGO AA . 5.59 27.52 9.00
P FGO AA . 7.02 27.61 8.50
O11 FGO AA . 7.53 28.87 7.75
O FGO AA . 8.04 27.50 9.78
C FGO AA . 7.79 26.58 10.84
C3 FGO AA . 7.33 27.33 12.06
C4 FGO AA . 6.40 26.61 13.04
O3 FGO AA . 7.02 25.38 13.50
O2 FGO AA . 8.55 27.66 12.73
C2 FGO AA . 9.69 27.00 12.13
N FGO AA . 10.62 26.56 13.24
C8 FGO AA . 10.24 25.74 14.34
C7 FGO AA . 11.20 25.51 15.34
C6 FGO AA . 12.49 26.07 15.21
O5 FGO AA . 13.47 25.90 16.07
N1 FGO AA . 12.83 26.84 14.14
C5 FGO AA . 11.91 27.06 13.18
O4 FGO AA . 12.27 27.78 12.29
C1 FGO AA . 9.08 25.92 11.30
O1 FGO AA . 9.93 25.49 10.25
O6 FGO AA . 7.23 26.33 7.65
C9 FGO AA . 8.56 25.99 7.12
C19 FGO AA . 10.76 23.46 7.29
C20 FGO AA . 10.60 21.95 7.13
O9 FGO AA . 9.64 21.52 8.11
O10 FGO AA . 11.74 21.28 7.43
O7 FGO AA . 7.62 24.18 5.93
N2 FGO AA . 7.31 22.66 4.20
N3 FGO AA . 6.46 22.75 2.12
N5 FGO AA . 6.04 20.74 5.04
N6 FGO AA . 4.76 18.86 5.46
N4 FGO AA . 4.53 19.80 3.33
O8 FGO AA . 4.41 20.74 1.28
CL CL BA . 11.37 -15.27 -16.96
CL CL CA . 2.64 -39.07 -16.99
CL CL DA . -14.36 -20.00 2.27
CL CL EA . -18.88 -61.68 -3.95
CL CL FA . -9.08 -57.59 -5.45
C CO2 GA . -16.02 -15.11 -19.62
O1 CO2 GA . -16.96 -15.29 -18.91
O2 CO2 GA . -15.18 -15.12 -20.43
C CO2 HA . -24.42 -19.78 -6.03
O1 CO2 HA . -25.32 -20.43 -5.68
O2 CO2 HA . -23.71 -19.02 -6.49
C CO3 IA . -8.52 -12.94 1.22
O1 CO3 IA . -7.67 -13.22 0.30
O2 CO3 IA . -9.56 -12.28 0.94
O3 CO3 IA . -8.34 -13.36 2.41
C CO3 JA . 2.73 -38.52 -9.31
O1 CO3 JA . 3.09 -37.30 -9.22
O2 CO3 JA . 3.10 -39.38 -8.39
O3 CO3 JA . 1.91 -38.87 -10.26
P PO3 KA . -19.64 -10.82 -3.67
O1 PO3 KA . -18.45 -9.96 -3.93
O2 PO3 KA . -19.23 -12.23 -3.99
O3 PO3 KA . -20.77 -10.31 -4.49
C1 EDO LA . -10.76 -37.43 -20.82
O1 EDO LA . -11.82 -38.00 -20.17
C2 EDO LA . -11.21 -36.93 -22.12
O2 EDO LA . -10.51 -35.77 -22.48
C1 EDO MA . 14.36 -10.84 -6.15
O1 EDO MA . 14.91 -11.52 -5.03
C2 EDO MA . 13.43 -9.74 -5.76
O2 EDO MA . 12.22 -9.74 -6.50
C1 EDO NA . -21.57 -37.90 11.97
O1 EDO NA . -21.69 -36.80 12.85
C2 EDO NA . -22.49 -37.79 10.84
O2 EDO NA . -23.65 -38.57 11.01
C1 EDO OA . 11.74 -12.43 -14.95
O1 EDO OA . 11.55 -11.90 -13.63
C2 EDO OA . 13.13 -12.32 -15.48
O2 EDO OA . 14.13 -11.97 -14.51
C1 EDO PA . 0.78 -38.54 -2.27
O1 EDO PA . 1.83 -39.19 -2.99
C2 EDO PA . 1.10 -37.15 -1.96
O2 EDO PA . -0.04 -36.54 -1.45
C1 EDO QA . -5.51 -34.42 -1.18
O1 EDO QA . -6.09 -35.37 -0.28
C2 EDO QA . -6.27 -33.90 -2.41
O2 EDO QA . -7.63 -33.48 -2.33
C1 EDO RA . 3.12 -23.52 -4.30
O1 EDO RA . 2.70 -24.71 -3.70
C2 EDO RA . 2.08 -22.55 -4.56
O2 EDO RA . 1.62 -21.85 -3.48
C1 PDO SA . -4.57 -18.62 -30.64
O1 PDO SA . -5.28 -19.83 -30.53
C2 PDO SA . -4.93 -17.52 -29.67
C3 PDO SA . -3.77 -16.60 -29.33
O3 PDO SA . -4.10 -15.60 -28.38
C1 GOL TA . -13.80 -55.08 8.10
O1 GOL TA . -13.51 -53.78 7.61
C2 GOL TA . -15.28 -55.26 8.29
O2 GOL TA . -15.57 -56.66 8.31
C3 GOL TA . -15.78 -54.58 9.55
O3 GOL TA . -17.05 -53.98 9.36
C1 GOL UA . -21.57 -40.98 -12.43
O1 GOL UA . -20.23 -40.74 -12.86
C2 GOL UA . -22.39 -41.49 -13.59
O2 GOL UA . -21.58 -41.56 -14.76
C3 GOL UA . -23.63 -40.67 -13.84
O3 GOL UA . -24.80 -41.46 -13.67
C1 GOL VA . -18.36 -42.91 15.10
O1 GOL VA . -18.65 -44.13 15.79
C2 GOL VA . -19.11 -42.83 13.81
O2 GOL VA . -19.13 -44.12 13.18
C3 GOL VA . -20.52 -42.32 13.97
O3 GOL VA . -21.47 -43.27 13.47
C1 GOL WA . -10.52 -51.27 -6.02
O1 GOL WA . -9.56 -51.64 -5.05
C2 GOL WA . -11.35 -52.45 -6.47
O2 GOL WA . -10.88 -52.78 -7.78
C3 GOL WA . -12.83 -52.13 -6.49
O3 GOL WA . -13.53 -52.44 -5.29
C10 FGO XA . -3.35 -30.64 -3.89
C11 FGO XA . -2.37 -29.41 -2.28
C12 FGO XA . -1.48 -27.42 -1.31
C13 FGO XA . -1.99 -26.28 -0.61
C14 FGO XA . -3.68 -27.62 -0.95
C15 FGO XA . -1.02 -25.25 -0.24
C16 FGO XA . 0.61 -26.56 -1.32
C17 FGO XA . -2.96 -30.60 -1.52
C18 FGO XA . -3.56 -31.44 -2.59
C21 FGO XA . -1.87 -31.34 -0.92
O12 FGO XA . -4.35 -29.08 -8.28
P FGO XA . -5.01 -30.08 -7.34
O11 FGO XA . -6.52 -30.11 -7.13
O FGO XA . -4.58 -31.55 -7.77
C FGO XA . -3.30 -31.94 -8.19
C3 FGO XA . -3.36 -32.23 -9.66
C4 FGO XA . -2.08 -31.86 -10.42
O3 FGO XA . -0.96 -32.61 -9.93
O2 FGO XA . -3.69 -33.61 -9.75
C2 FGO XA . -3.69 -34.26 -8.47
N FGO XA . -3.11 -35.61 -8.67
C8 FGO XA . -1.84 -35.83 -9.24
C7 FGO XA . -1.41 -37.16 -9.47
C6 FGO XA . -2.29 -38.21 -9.14
O5 FGO XA . -2.03 -39.51 -9.28
N1 FGO XA . -3.49 -37.93 -8.58
C5 FGO XA . -3.89 -36.68 -8.39
O4 FGO XA . -4.99 -36.52 -7.96
C1 FGO XA . -2.90 -33.28 -7.64
O1 FGO XA . -3.16 -33.44 -6.25
O6 FGO XA . -4.23 -29.83 -5.97
C9 FGO XA . -4.52 -30.63 -4.79
C19 FGO XA . -2.82 -32.70 -2.69
C20 FGO XA . -1.57 -32.44 -1.85
O9 FGO XA . -0.49 -32.14 -2.79
O10 FGO XA . -1.25 -33.59 -1.20
O7 FGO XA . -3.17 -29.31 -3.46
N2 FGO XA . -2.56 -28.20 -1.50
N3 FGO XA . -3.34 -26.44 -0.40
N5 FGO XA . -0.22 -27.61 -1.69
N6 FGO XA . 1.90 -26.55 -1.62
N4 FGO XA . 0.21 -25.43 -0.62
O8 FGO XA . -1.28 -24.22 0.40
#